data_8V2L
#
_entry.id   8V2L
#
_cell.length_a   84.735
_cell.length_b   113.477
_cell.length_c   134.828
_cell.angle_alpha   90.00
_cell.angle_beta   90.00
_cell.angle_gamma   90.00
#
_symmetry.space_group_name_H-M   'P 21 21 2'
#
loop_
_entity.id
_entity.type
_entity.pdbx_description
1 polymer 'Interleukin-1 receptor-associated kinase 4'
2 non-polymer N-{2-[4-(hydroxymethyl)phenyl]-6-(2-hydroxypropan-2-yl)-2H-indazol-5-yl}-6-(trifluoromethyl)pyridine-2-carboxamide
3 non-polymer 1,2-ETHANEDIOL
4 water water
#
_entity_poly.entity_id   1
_entity_poly.type   'polypeptide(L)'
_entity_poly.pdbx_seq_one_letter_code
;MSYYHHHHHHDYDIPTTENLYFQSIAVSDTRFHSFSFYELKNVTNNFDERPISVGGNKMGEGGFGVVYKGYVNNTTVAVK
KLAAMVDITTEELKQQFDQEIKVMAKCQHENLVELLGFSSDGDDLCLVYVYMPNGSLLDRLSCLDGTPPLSWHMRCKIAQ
GAANGINFLHENHHIHRDIKSANILLDEAFTAKISDFGLARASEKFAQ(TPO)VM(TPO)(SEP)RIVGTTAYMAPEALR
GEITPKSDIYSFGVVLLEIITGLPAVDEHREPQLLLDIKEEIEDEEKTIEDYIDKKMNDADSTSVEAMYSVASQCLHEKK
NKRPDIKKVQQLLQEMTAS
;
_entity_poly.pdbx_strand_id   A,B,C,D
#
loop_
_chem_comp.id
_chem_comp.type
_chem_comp.name
_chem_comp.formula
EDO non-polymer 1,2-ETHANEDIOL 'C2 H6 O2'
YK0 non-polymer N-{2-[4-(hydroxymethyl)phenyl]-6-(2-hydroxypropan-2-yl)-2H-indazol-5-yl}-6-(trifluoromethyl)pyridine-2-carboxamide 'C24 H21 F3 N4 O3'
#
# COMPACT_ATOMS: atom_id res chain seq x y z
N ARG A 31 9.42 -14.65 -7.03
CA ARG A 31 10.59 -15.58 -6.91
C ARG A 31 10.24 -16.93 -7.56
N PHE A 32 11.24 -17.54 -8.19
CA PHE A 32 11.15 -18.85 -8.88
C PHE A 32 12.01 -19.87 -8.16
N HIS A 33 11.79 -21.16 -8.43
CA HIS A 33 12.64 -22.26 -7.89
C HIS A 33 14.01 -22.20 -8.59
N SER A 34 15.09 -22.18 -7.82
CA SER A 34 16.48 -22.31 -8.34
C SER A 34 16.79 -23.81 -8.44
N PHE A 35 16.81 -24.32 -9.67
CA PHE A 35 17.18 -25.73 -9.97
C PHE A 35 18.70 -25.81 -10.14
N SER A 36 19.29 -26.91 -9.69
CA SER A 36 20.62 -27.37 -10.14
C SER A 36 20.48 -27.74 -11.62
N PHE A 37 21.51 -27.54 -12.42
CA PHE A 37 21.55 -28.00 -13.83
C PHE A 37 21.27 -29.50 -13.85
N TYR A 38 21.75 -30.25 -12.85
CA TYR A 38 21.60 -31.73 -12.79
C TYR A 38 20.11 -32.08 -12.67
N GLU A 39 19.37 -31.38 -11.81
CA GLU A 39 17.90 -31.55 -11.67
C GLU A 39 17.28 -31.45 -13.06
N LEU A 40 17.57 -30.37 -13.78
CA LEU A 40 17.05 -30.12 -15.15
C LEU A 40 17.60 -31.13 -16.14
N LYS A 41 18.86 -31.54 -15.95
CA LYS A 41 19.45 -32.67 -16.72
C LYS A 41 18.56 -33.89 -16.47
N ASN A 42 18.20 -34.12 -15.21
CA ASN A 42 17.41 -35.28 -14.74
C ASN A 42 15.98 -35.21 -15.32
N VAL A 43 15.33 -34.05 -15.23
CA VAL A 43 13.89 -33.87 -15.62
C VAL A 43 13.78 -33.93 -17.14
N THR A 44 14.83 -33.52 -17.86
CA THR A 44 14.86 -33.49 -19.35
C THR A 44 15.51 -34.77 -19.89
N ASN A 45 15.76 -35.75 -19.01
CA ASN A 45 16.37 -37.07 -19.38
C ASN A 45 17.74 -36.80 -20.03
N ASN A 46 18.60 -36.09 -19.31
CA ASN A 46 19.90 -35.57 -19.79
C ASN A 46 19.67 -34.76 -21.07
N PHE A 47 18.78 -33.78 -21.02
CA PHE A 47 18.45 -32.89 -22.17
C PHE A 47 18.45 -33.73 -23.44
N ASP A 48 17.65 -34.80 -23.42
CA ASP A 48 17.51 -35.81 -24.50
C ASP A 48 17.22 -35.06 -25.81
N GLU A 49 18.17 -35.06 -26.73
CA GLU A 49 18.11 -34.30 -28.01
C GLU A 49 17.02 -34.88 -28.94
N ARG A 50 16.57 -36.11 -28.72
CA ARG A 50 15.52 -36.76 -29.55
C ARG A 50 14.21 -35.97 -29.42
N PRO A 51 13.44 -35.81 -30.51
CA PRO A 51 12.14 -35.12 -30.44
C PRO A 51 11.20 -35.70 -29.39
N ILE A 52 10.33 -34.86 -28.82
CA ILE A 52 9.24 -35.29 -27.89
C ILE A 52 8.31 -36.24 -28.63
N SER A 53 8.11 -35.99 -29.93
CA SER A 53 7.22 -36.73 -30.85
C SER A 53 7.62 -38.21 -30.93
N VAL A 54 8.88 -38.55 -30.64
CA VAL A 54 9.40 -39.95 -30.72
C VAL A 54 9.87 -40.42 -29.33
N GLY A 55 9.35 -39.80 -28.26
CA GLY A 55 9.61 -40.23 -26.87
C GLY A 55 10.71 -39.43 -26.20
N GLY A 56 11.41 -38.58 -26.96
CA GLY A 56 12.53 -37.77 -26.44
C GLY A 56 12.04 -36.57 -25.65
N ASN A 57 12.92 -35.59 -25.42
CA ASN A 57 12.62 -34.40 -24.59
C ASN A 57 12.77 -33.10 -25.39
N LYS A 58 13.52 -33.10 -26.49
CA LYS A 58 13.70 -31.87 -27.30
C LYS A 58 12.35 -31.51 -27.91
N MET A 59 11.86 -30.30 -27.68
CA MET A 59 10.56 -29.82 -28.21
C MET A 59 10.79 -28.83 -29.35
N GLY A 60 11.80 -27.99 -29.20
CA GLY A 60 12.11 -26.92 -30.15
C GLY A 60 13.51 -26.39 -29.91
N GLU A 61 14.15 -25.92 -30.98
CA GLU A 61 15.41 -25.16 -30.95
C GLU A 61 14.98 -23.70 -31.12
N GLY A 62 14.60 -23.09 -30.01
CA GLY A 62 14.18 -21.68 -29.87
C GLY A 62 15.40 -20.78 -30.14
N GLY A 63 15.17 -19.48 -30.27
CA GLY A 63 16.24 -18.47 -30.41
C GLY A 63 17.09 -18.51 -29.12
N PHE A 64 18.38 -18.83 -29.27
CA PHE A 64 19.43 -18.72 -28.23
C PHE A 64 19.35 -19.87 -27.23
N GLY A 65 18.62 -20.94 -27.52
CA GLY A 65 18.55 -22.11 -26.61
C GLY A 65 17.63 -23.18 -27.12
N VAL A 66 17.88 -24.43 -26.73
CA VAL A 66 17.01 -25.59 -27.04
C VAL A 66 16.06 -25.79 -25.85
N VAL A 67 14.78 -26.05 -26.13
CA VAL A 67 13.74 -26.26 -25.08
C VAL A 67 13.43 -27.74 -24.99
N TYR A 68 13.44 -28.27 -23.77
CA TYR A 68 13.25 -29.71 -23.50
C TYR A 68 12.01 -29.91 -22.64
N LYS A 69 11.19 -30.88 -23.00
CA LYS A 69 10.08 -31.38 -22.16
C LYS A 69 10.74 -32.02 -20.95
N GLY A 70 10.15 -31.78 -19.80
CA GLY A 70 10.60 -32.36 -18.54
C GLY A 70 9.45 -32.47 -17.60
N TYR A 71 9.63 -33.31 -16.59
CA TYR A 71 8.73 -33.44 -15.44
C TYR A 71 9.57 -33.06 -14.23
N VAL A 72 9.20 -31.94 -13.63
CA VAL A 72 9.55 -31.63 -12.21
C VAL A 72 8.37 -32.08 -11.34
N ASN A 73 8.62 -33.01 -10.43
CA ASN A 73 7.59 -33.86 -9.78
C ASN A 73 6.65 -34.31 -10.91
N ASN A 74 5.36 -33.98 -10.85
CA ASN A 74 4.35 -34.39 -11.86
C ASN A 74 4.02 -33.22 -12.78
N THR A 75 4.70 -32.07 -12.62
CA THR A 75 4.51 -30.86 -13.47
C THR A 75 5.34 -31.03 -14.74
N THR A 76 4.69 -31.16 -15.90
CA THR A 76 5.37 -31.11 -17.20
C THR A 76 5.94 -29.71 -17.33
N VAL A 77 7.23 -29.60 -17.63
CA VAL A 77 7.93 -28.29 -17.75
C VAL A 77 8.60 -28.22 -19.12
N ALA A 78 8.71 -27.00 -19.61
CA ALA A 78 9.62 -26.63 -20.71
C ALA A 78 10.92 -26.20 -20.07
N VAL A 79 12.00 -26.93 -20.30
CA VAL A 79 13.36 -26.50 -19.85
C VAL A 79 14.07 -25.95 -21.07
N LYS A 80 14.20 -24.63 -21.12
CA LYS A 80 15.01 -23.92 -22.13
C LYS A 80 16.46 -23.95 -21.64
N LYS A 81 17.27 -24.84 -22.22
CA LYS A 81 18.74 -24.86 -22.03
C LYS A 81 19.33 -23.85 -23.02
N LEU A 82 19.92 -22.77 -22.52
CA LEU A 82 20.51 -21.67 -23.33
C LEU A 82 21.93 -22.10 -23.76
N ALA A 83 22.19 -22.07 -25.06
CA ALA A 83 23.50 -22.41 -25.70
C ALA A 83 23.94 -21.25 -26.62
N ALA A 84 25.25 -21.15 -26.86
CA ALA A 84 25.89 -20.07 -27.68
C ALA A 84 25.16 -19.94 -29.02
N MET A 85 24.95 -21.06 -29.72
CA MET A 85 24.16 -21.19 -30.97
C MET A 85 24.71 -20.25 -32.06
N VAL A 86 23.98 -19.21 -32.44
CA VAL A 86 24.31 -18.29 -33.57
C VAL A 86 24.53 -16.86 -33.03
N ASP A 87 25.80 -16.44 -32.99
CA ASP A 87 26.24 -15.03 -32.78
C ASP A 87 25.71 -14.49 -31.44
N ILE A 88 25.75 -15.31 -30.38
CA ILE A 88 25.43 -14.91 -29.00
C ILE A 88 26.69 -15.09 -28.13
N THR A 89 27.12 -14.03 -27.43
CA THR A 89 28.15 -14.10 -26.36
C THR A 89 27.51 -14.68 -25.10
N THR A 90 28.31 -15.31 -24.23
CA THR A 90 27.92 -15.80 -22.89
C THR A 90 27.29 -14.66 -22.08
N GLU A 91 27.91 -13.47 -22.05
CA GLU A 91 27.41 -12.31 -21.27
C GLU A 91 26.01 -11.93 -21.77
N GLU A 92 25.82 -11.81 -23.08
CA GLU A 92 24.52 -11.45 -23.72
C GLU A 92 23.49 -12.53 -23.38
N LEU A 93 23.89 -13.80 -23.41
CA LEU A 93 23.04 -14.97 -23.11
C LEU A 93 22.61 -14.92 -21.64
N LYS A 94 23.55 -14.60 -20.74
CA LYS A 94 23.33 -14.46 -19.28
C LYS A 94 22.39 -13.27 -19.05
N GLN A 95 22.59 -12.17 -19.78
CA GLN A 95 21.74 -10.95 -19.70
C GLN A 95 20.31 -11.32 -20.13
N GLN A 96 20.19 -12.14 -21.17
CA GLN A 96 18.90 -12.59 -21.74
C GLN A 96 18.22 -13.57 -20.79
N PHE A 97 19.01 -14.39 -20.10
CA PHE A 97 18.56 -15.26 -19.00
C PHE A 97 18.04 -14.38 -17.87
N ASP A 98 18.90 -13.48 -17.40
CA ASP A 98 18.60 -12.52 -16.30
C ASP A 98 17.35 -11.70 -16.67
N GLN A 99 17.22 -11.32 -17.93
CA GLN A 99 16.08 -10.53 -18.47
C GLN A 99 14.84 -11.40 -18.47
N GLU A 100 14.91 -12.60 -19.05
CA GLU A 100 13.81 -13.60 -19.03
C GLU A 100 13.29 -13.69 -17.60
N ILE A 101 14.17 -13.95 -16.63
CA ILE A 101 13.79 -14.11 -15.20
C ILE A 101 13.24 -12.78 -14.68
N LYS A 102 13.94 -11.67 -14.93
CA LYS A 102 13.54 -10.31 -14.51
C LYS A 102 12.13 -10.02 -15.02
N VAL A 103 11.88 -10.27 -16.31
CA VAL A 103 10.58 -10.02 -16.98
C VAL A 103 9.53 -10.95 -16.37
N MET A 104 9.86 -12.24 -16.31
CA MET A 104 8.95 -13.31 -15.85
CA MET A 104 8.95 -13.31 -15.85
C MET A 104 8.57 -13.10 -14.38
N ALA A 105 9.45 -12.44 -13.62
CA ALA A 105 9.21 -12.07 -12.20
C ALA A 105 8.10 -11.01 -12.17
N LYS A 106 8.31 -9.90 -12.88
CA LYS A 106 7.35 -8.77 -13.00
C LYS A 106 6.07 -9.27 -13.70
N CYS A 107 6.22 -10.13 -14.70
CA CYS A 107 5.15 -10.40 -15.72
C CYS A 107 4.61 -11.83 -15.59
N GLN A 108 3.62 -11.99 -14.71
CA GLN A 108 2.74 -13.18 -14.63
C GLN A 108 1.41 -12.75 -15.26
N HIS A 109 1.00 -13.48 -16.30
CA HIS A 109 -0.25 -13.22 -17.04
C HIS A 109 -0.64 -14.51 -17.76
N GLU A 110 -1.95 -14.79 -17.87
CA GLU A 110 -2.46 -16.04 -18.47
C GLU A 110 -1.99 -16.17 -19.92
N ASN A 111 -1.54 -15.08 -20.56
CA ASN A 111 -1.10 -15.09 -21.98
C ASN A 111 0.41 -14.84 -22.07
N LEU A 112 1.11 -14.94 -20.94
CA LEU A 112 2.59 -15.03 -20.91
C LEU A 112 2.95 -16.42 -20.40
N VAL A 113 3.96 -17.04 -20.98
CA VAL A 113 4.47 -18.35 -20.46
C VAL A 113 4.84 -18.11 -19.00
N GLU A 114 4.89 -19.16 -18.21
CA GLU A 114 5.18 -19.05 -16.76
C GLU A 114 6.54 -19.69 -16.51
N LEU A 115 7.51 -18.89 -16.11
CA LEU A 115 8.80 -19.38 -15.55
C LEU A 115 8.49 -20.01 -14.19
N LEU A 116 8.88 -21.27 -14.03
CA LEU A 116 8.82 -21.99 -12.74
C LEU A 116 10.14 -21.77 -12.03
N GLY A 117 11.23 -21.71 -12.79
CA GLY A 117 12.56 -21.45 -12.28
C GLY A 117 13.61 -21.61 -13.35
N PHE A 118 14.84 -21.82 -12.91
CA PHE A 118 16.05 -21.69 -13.76
C PHE A 118 17.19 -22.46 -13.12
N SER A 119 18.23 -22.75 -13.91
CA SER A 119 19.54 -23.25 -13.45
C SER A 119 20.60 -22.29 -14.01
N SER A 120 21.46 -21.76 -13.14
CA SER A 120 22.72 -21.06 -13.49
C SER A 120 23.94 -21.83 -12.96
N ASP A 121 23.73 -22.98 -12.33
CA ASP A 121 24.68 -23.67 -11.42
C ASP A 121 25.85 -24.27 -12.22
N GLY A 122 25.56 -24.88 -13.37
CA GLY A 122 26.50 -25.72 -14.12
C GLY A 122 26.23 -25.69 -15.61
N ASP A 123 27.21 -26.06 -16.43
CA ASP A 123 27.10 -26.15 -17.91
C ASP A 123 26.35 -24.91 -18.43
N ASP A 124 25.21 -25.15 -19.08
CA ASP A 124 24.36 -24.16 -19.78
C ASP A 124 23.39 -23.51 -18.78
N LEU A 125 22.98 -22.28 -19.04
CA LEU A 125 21.87 -21.59 -18.35
C LEU A 125 20.55 -22.24 -18.76
N CYS A 126 19.64 -22.46 -17.82
CA CYS A 126 18.36 -23.14 -18.08
C CYS A 126 17.20 -22.34 -17.50
N LEU A 127 16.13 -22.24 -18.26
CA LEU A 127 14.86 -21.62 -17.81
C LEU A 127 13.80 -22.70 -17.83
N VAL A 128 13.16 -22.90 -16.69
CA VAL A 128 12.10 -23.93 -16.53
C VAL A 128 10.77 -23.19 -16.56
N TYR A 129 9.88 -23.62 -17.44
CA TYR A 129 8.54 -23.00 -17.60
C TYR A 129 7.48 -24.04 -17.41
N VAL A 130 6.29 -23.61 -17.00
CA VAL A 130 5.06 -24.41 -17.18
C VAL A 130 5.07 -24.80 -18.66
N TYR A 131 5.11 -26.09 -18.90
CA TYR A 131 4.99 -26.72 -20.23
C TYR A 131 3.79 -26.12 -20.94
N MET A 132 3.91 -25.99 -22.26
CA MET A 132 2.83 -25.57 -23.17
C MET A 132 2.53 -26.75 -24.08
N PRO A 133 1.52 -27.57 -23.73
CA PRO A 133 1.25 -28.82 -24.44
C PRO A 133 1.18 -28.65 -25.96
N ASN A 134 0.72 -27.50 -26.43
CA ASN A 134 0.45 -27.27 -27.86
C ASN A 134 1.60 -26.48 -28.47
N GLY A 135 2.70 -26.33 -27.73
CA GLY A 135 3.95 -25.71 -28.21
C GLY A 135 3.70 -24.36 -28.84
N SER A 136 4.45 -24.05 -29.89
CA SER A 136 4.44 -22.72 -30.53
C SER A 136 3.24 -22.65 -31.47
N LEU A 137 2.63 -21.47 -31.55
CA LEU A 137 1.71 -21.10 -32.64
C LEU A 137 2.36 -21.43 -33.98
N LEU A 138 3.65 -21.13 -34.13
CA LEU A 138 4.41 -21.43 -35.38
C LEU A 138 4.21 -22.92 -35.70
N ASP A 139 4.57 -23.78 -34.76
CA ASP A 139 4.55 -25.25 -34.91
C ASP A 139 3.12 -25.70 -35.19
N ARG A 140 2.14 -25.10 -34.49
CA ARG A 140 0.71 -25.43 -34.66
C ARG A 140 0.18 -24.88 -35.98
N LEU A 141 0.61 -23.69 -36.38
CA LEU A 141 0.22 -23.11 -37.69
C LEU A 141 0.77 -23.96 -38.82
N SER A 142 1.95 -24.55 -38.62
CA SER A 142 2.62 -25.41 -39.63
C SER A 142 2.16 -26.86 -39.47
N CYS A 143 1.33 -27.12 -38.47
CA CYS A 143 0.86 -28.48 -38.07
C CYS A 143 2.07 -29.42 -37.89
N LEU A 144 3.17 -28.87 -37.38
CA LEU A 144 4.41 -29.63 -37.07
C LEU A 144 4.03 -30.85 -36.23
N ASP A 145 4.62 -32.01 -36.53
CA ASP A 145 4.45 -33.28 -35.79
C ASP A 145 3.00 -33.76 -35.93
N GLY A 146 2.30 -33.27 -36.95
CA GLY A 146 1.01 -33.81 -37.38
C GLY A 146 -0.13 -33.37 -36.48
N THR A 147 0.09 -32.34 -35.67
CA THR A 147 -0.99 -31.72 -34.87
C THR A 147 -2.03 -31.23 -35.86
N PRO A 148 -3.32 -31.23 -35.51
CA PRO A 148 -4.37 -30.83 -36.45
C PRO A 148 -4.31 -29.32 -36.67
N PRO A 149 -4.60 -28.83 -37.89
CA PRO A 149 -4.62 -27.40 -38.15
C PRO A 149 -5.46 -26.69 -37.09
N LEU A 150 -5.03 -25.51 -36.69
CA LEU A 150 -5.79 -24.66 -35.75
C LEU A 150 -7.07 -24.24 -36.47
N SER A 151 -8.22 -24.44 -35.83
CA SER A 151 -9.50 -23.87 -36.31
C SER A 151 -9.30 -22.36 -36.37
N TRP A 152 -10.01 -21.69 -37.28
CA TRP A 152 -10.11 -20.22 -37.24
C TRP A 152 -10.51 -19.79 -35.83
N HIS A 153 -11.50 -20.47 -35.25
CA HIS A 153 -11.99 -20.17 -33.89
C HIS A 153 -10.80 -20.14 -32.93
N MET A 154 -9.96 -21.17 -32.96
CA MET A 154 -8.81 -21.28 -32.03
C MET A 154 -7.80 -20.18 -32.34
N ARG A 155 -7.63 -19.87 -33.62
CA ARG A 155 -6.70 -18.84 -34.12
C ARG A 155 -7.10 -17.47 -33.60
N CYS A 156 -8.41 -17.20 -33.56
CA CYS A 156 -8.98 -15.94 -33.03
C CYS A 156 -8.69 -15.85 -31.54
N LYS A 157 -8.94 -16.95 -30.82
CA LYS A 157 -8.60 -17.06 -29.37
C LYS A 157 -7.11 -16.81 -29.20
N ILE A 158 -6.29 -17.40 -30.07
CA ILE A 158 -4.80 -17.35 -29.98
C ILE A 158 -4.36 -15.90 -30.22
N ALA A 159 -4.84 -15.32 -31.33
CA ALA A 159 -4.64 -13.91 -31.68
C ALA A 159 -5.01 -13.07 -30.46
N GLN A 160 -6.24 -13.21 -29.98
CA GLN A 160 -6.77 -12.46 -28.81
C GLN A 160 -5.83 -12.65 -27.63
N GLY A 161 -5.55 -13.90 -27.27
CA GLY A 161 -4.68 -14.25 -26.14
C GLY A 161 -3.31 -13.64 -26.30
N ALA A 162 -2.69 -13.84 -27.46
CA ALA A 162 -1.35 -13.31 -27.79
C ALA A 162 -1.37 -11.80 -27.60
N ALA A 163 -2.39 -11.12 -28.13
CA ALA A 163 -2.59 -9.66 -28.01
C ALA A 163 -2.77 -9.31 -26.54
N ASN A 164 -3.51 -10.12 -25.79
CA ASN A 164 -3.72 -9.91 -24.32
C ASN A 164 -2.36 -10.05 -23.63
N GLY A 165 -1.54 -11.01 -24.06
CA GLY A 165 -0.18 -11.20 -23.55
C GLY A 165 0.66 -9.98 -23.84
N ILE A 166 0.67 -9.55 -25.10
CA ILE A 166 1.44 -8.36 -25.56
C ILE A 166 0.91 -7.14 -24.81
N ASN A 167 -0.42 -7.01 -24.69
CA ASN A 167 -1.03 -5.86 -23.97
C ASN A 167 -0.51 -5.82 -22.54
N PHE A 168 -0.45 -6.98 -21.88
CA PHE A 168 0.03 -7.09 -20.49
C PHE A 168 1.50 -6.69 -20.43
N LEU A 169 2.31 -7.14 -21.40
CA LEU A 169 3.74 -6.80 -21.47
C LEU A 169 3.88 -5.28 -21.63
N HIS A 170 3.05 -4.69 -22.49
CA HIS A 170 3.05 -3.24 -22.80
C HIS A 170 2.47 -2.45 -21.63
N GLU A 171 1.37 -2.93 -21.02
CA GLU A 171 0.83 -2.37 -19.77
C GLU A 171 1.97 -2.26 -18.76
N ASN A 172 2.82 -3.29 -18.71
CA ASN A 172 3.95 -3.39 -17.75
C ASN A 172 5.22 -2.81 -18.37
N HIS A 173 5.09 -2.01 -19.43
CA HIS A 173 6.20 -1.25 -20.06
C HIS A 173 7.35 -2.23 -20.36
N HIS A 174 7.00 -3.39 -20.89
CA HIS A 174 7.96 -4.35 -21.50
C HIS A 174 7.68 -4.39 -23.00
N ILE A 175 8.72 -4.14 -23.79
CA ILE A 175 8.71 -4.37 -25.25
C ILE A 175 9.30 -5.76 -25.44
N HIS A 176 8.51 -6.68 -25.97
CA HIS A 176 8.92 -8.09 -26.16
C HIS A 176 10.12 -8.14 -27.12
N ARG A 177 9.97 -7.49 -28.28
CA ARG A 177 11.03 -7.27 -29.31
C ARG A 177 11.28 -8.53 -30.14
N ASP A 178 10.50 -9.58 -29.90
CA ASP A 178 10.56 -10.83 -30.70
C ASP A 178 9.19 -11.50 -30.64
N ILE A 179 8.12 -10.70 -30.76
CA ILE A 179 6.76 -11.24 -30.98
C ILE A 179 6.82 -11.99 -32.30
N LYS A 180 6.71 -13.31 -32.23
CA LYS A 180 6.59 -14.16 -33.43
C LYS A 180 5.87 -15.45 -33.02
N SER A 181 5.27 -16.13 -33.99
CA SER A 181 4.49 -17.37 -33.76
C SER A 181 5.31 -18.36 -32.93
N ALA A 182 6.63 -18.40 -33.14
CA ALA A 182 7.57 -19.30 -32.45
C ALA A 182 7.54 -19.03 -30.94
N ASN A 183 7.27 -17.77 -30.58
CA ASN A 183 7.35 -17.22 -29.20
C ASN A 183 5.95 -17.02 -28.63
N ILE A 184 4.91 -17.31 -29.40
CA ILE A 184 3.52 -17.42 -28.91
C ILE A 184 3.24 -18.91 -28.69
N LEU A 185 3.37 -19.38 -27.46
CA LEU A 185 3.20 -20.81 -27.13
C LEU A 185 1.72 -21.05 -26.79
N LEU A 186 1.29 -22.31 -26.84
CA LEU A 186 -0.13 -22.69 -26.76
C LEU A 186 -0.28 -23.72 -25.65
N ASP A 187 -1.08 -23.40 -24.64
CA ASP A 187 -1.31 -24.27 -23.47
C ASP A 187 -2.29 -25.38 -23.91
N GLU A 188 -2.66 -26.25 -22.97
CA GLU A 188 -3.67 -27.31 -23.15
C GLU A 188 -4.89 -26.75 -23.91
N ALA A 189 -5.28 -25.48 -23.68
CA ALA A 189 -6.51 -24.85 -24.21
C ALA A 189 -6.23 -24.02 -25.47
N PHE A 190 -5.01 -24.11 -26.02
CA PHE A 190 -4.55 -23.22 -27.11
C PHE A 190 -4.71 -21.76 -26.67
N THR A 191 -4.56 -21.52 -25.38
CA THR A 191 -4.32 -20.16 -24.83
C THR A 191 -2.96 -19.72 -25.35
N ALA A 192 -2.92 -18.60 -26.06
CA ALA A 192 -1.67 -17.97 -26.50
C ALA A 192 -0.88 -17.58 -25.26
N LYS A 193 0.34 -18.09 -25.16
CA LYS A 193 1.32 -17.68 -24.12
C LYS A 193 2.50 -17.05 -24.86
N ILE A 194 2.66 -15.73 -24.72
CA ILE A 194 3.88 -15.04 -25.23
C ILE A 194 5.04 -15.62 -24.43
N SER A 195 6.08 -16.07 -25.13
CA SER A 195 7.31 -16.63 -24.51
C SER A 195 8.51 -15.80 -24.97
N ASP A 196 9.67 -16.08 -24.38
CA ASP A 196 11.00 -15.56 -24.77
C ASP A 196 11.03 -14.06 -24.54
N PHE A 197 11.34 -13.66 -23.30
CA PHE A 197 11.49 -12.25 -22.86
C PHE A 197 12.98 -11.95 -22.65
N GLY A 198 13.86 -12.78 -23.21
CA GLY A 198 15.32 -12.60 -23.13
C GLY A 198 15.72 -11.26 -23.71
N LEU A 199 15.10 -10.90 -24.83
CA LEU A 199 15.34 -9.63 -25.56
C LEU A 199 14.32 -8.58 -25.13
N ALA A 200 13.45 -8.87 -24.16
CA ALA A 200 12.43 -7.92 -23.68
C ALA A 200 13.15 -6.67 -23.16
N ARG A 201 12.46 -5.53 -23.21
CA ARG A 201 13.00 -4.22 -22.80
C ARG A 201 11.96 -3.46 -21.98
N ALA A 202 12.40 -2.85 -20.87
CA ALA A 202 11.61 -1.91 -20.05
C ALA A 202 11.42 -0.60 -20.83
N SER A 203 10.51 0.26 -20.36
CA SER A 203 10.15 1.56 -21.00
C SER A 203 9.71 2.55 -19.91
N TPO A 209 11.31 7.31 -29.04
CA TPO A 209 11.65 6.16 -28.16
CB TPO A 209 10.80 4.92 -28.47
CG2 TPO A 209 9.76 4.69 -27.40
OG1 TPO A 209 10.14 5.07 -29.79
P TPO A 209 8.65 5.65 -30.04
O1P TPO A 209 7.67 4.69 -29.38
O2P TPO A 209 8.65 7.04 -29.43
O3P TPO A 209 8.46 5.70 -31.54
C TPO A 209 13.14 5.83 -28.31
O TPO A 209 13.84 6.44 -29.13
N VAL A 210 13.62 4.89 -27.50
CA VAL A 210 15.05 4.61 -27.42
C VAL A 210 15.48 3.86 -28.68
N MET A 211 16.79 3.88 -28.95
CA MET A 211 17.47 3.19 -30.07
C MET A 211 18.48 2.21 -29.50
N TPO A 212 18.90 1.23 -30.30
CA TPO A 212 19.82 0.21 -29.84
CB TPO A 212 19.06 -1.04 -29.38
CG2 TPO A 212 18.35 -1.79 -30.49
OG1 TPO A 212 20.04 -1.98 -28.78
P TPO A 212 20.60 -1.75 -27.29
O1P TPO A 212 20.85 -3.15 -26.77
O2P TPO A 212 19.51 -1.01 -26.55
O3P TPO A 212 21.87 -0.95 -27.44
C TPO A 212 20.82 -0.08 -30.96
O TPO A 212 20.49 0.01 -32.13
N SEP A 213 22.06 -0.39 -30.56
CA SEP A 213 23.10 -0.80 -31.48
CB SEP A 213 24.44 -0.43 -30.90
OG SEP A 213 24.48 -0.99 -29.57
C SEP A 213 22.98 -2.29 -31.74
O SEP A 213 23.24 -2.76 -32.85
P SEP A 213 25.62 -0.52 -28.56
O1P SEP A 213 25.41 -1.28 -27.25
O2P SEP A 213 25.41 0.98 -28.45
O3P SEP A 213 26.94 -0.91 -29.24
N ARG A 214 22.58 -3.04 -30.70
CA ARG A 214 22.29 -4.46 -30.82
C ARG A 214 20.84 -4.62 -31.30
N ILE A 215 20.64 -4.52 -32.61
CA ILE A 215 19.33 -4.80 -33.28
C ILE A 215 19.05 -6.29 -33.15
N VAL A 216 17.93 -6.63 -32.51
CA VAL A 216 17.53 -8.04 -32.23
C VAL A 216 16.05 -8.21 -32.57
N GLY A 217 15.62 -9.46 -32.64
CA GLY A 217 14.27 -9.83 -33.10
C GLY A 217 14.41 -10.74 -34.31
N THR A 218 13.27 -11.13 -34.88
CA THR A 218 13.21 -12.03 -36.05
C THR A 218 12.81 -11.16 -37.23
N THR A 219 13.75 -11.01 -38.15
CA THR A 219 13.69 -10.12 -39.34
C THR A 219 12.26 -10.09 -39.89
N ALA A 220 11.74 -11.28 -40.15
CA ALA A 220 10.46 -11.54 -40.87
C ALA A 220 9.28 -11.00 -40.08
N TYR A 221 9.46 -10.72 -38.80
CA TYR A 221 8.42 -10.18 -37.90
C TYR A 221 8.71 -8.74 -37.53
N MET A 222 9.93 -8.27 -37.76
CA MET A 222 10.37 -6.98 -37.20
C MET A 222 9.84 -5.83 -38.04
N ALA A 223 9.32 -4.83 -37.34
CA ALA A 223 8.94 -3.50 -37.88
C ALA A 223 10.17 -2.87 -38.51
N PRO A 224 10.00 -2.00 -39.52
CA PRO A 224 11.11 -1.27 -40.12
C PRO A 224 11.97 -0.60 -39.04
N GLU A 225 11.33 0.03 -38.05
CA GLU A 225 12.04 0.80 -37.01
C GLU A 225 12.81 -0.15 -36.08
N ALA A 226 12.28 -1.35 -35.82
CA ALA A 226 12.95 -2.39 -35.01
C ALA A 226 14.21 -2.84 -35.75
N LEU A 227 14.11 -2.97 -37.08
CA LEU A 227 15.22 -3.41 -37.94
C LEU A 227 16.29 -2.33 -38.02
N ARG A 228 15.91 -1.08 -37.72
CA ARG A 228 16.85 0.07 -37.69
C ARG A 228 17.34 0.32 -36.27
N GLY A 229 16.85 -0.46 -35.30
CA GLY A 229 17.36 -0.45 -33.91
C GLY A 229 16.50 0.39 -33.00
N GLU A 230 15.38 0.94 -33.49
CA GLU A 230 14.38 1.58 -32.59
C GLU A 230 13.84 0.48 -31.70
N ILE A 231 13.74 0.75 -30.40
CA ILE A 231 13.06 -0.12 -29.42
C ILE A 231 11.79 0.61 -28.97
N THR A 232 10.64 0.14 -29.43
CA THR A 232 9.31 0.71 -29.13
C THR A 232 8.30 -0.42 -29.07
N PRO A 233 7.29 -0.37 -28.18
CA PRO A 233 6.22 -1.36 -28.17
C PRO A 233 5.60 -1.48 -29.57
N LYS A 234 5.57 -0.37 -30.30
CA LYS A 234 4.98 -0.29 -31.66
C LYS A 234 5.55 -1.40 -32.54
N SER A 235 6.83 -1.75 -32.36
CA SER A 235 7.53 -2.84 -33.09
C SER A 235 6.85 -4.19 -32.81
N ASP A 236 6.44 -4.43 -31.56
CA ASP A 236 5.76 -5.68 -31.13
C ASP A 236 4.42 -5.78 -31.85
N ILE A 237 3.73 -4.65 -31.95
CA ILE A 237 2.43 -4.55 -32.67
C ILE A 237 2.68 -5.02 -34.09
N TYR A 238 3.71 -4.48 -34.72
CA TYR A 238 4.07 -4.83 -36.10
C TYR A 238 4.30 -6.33 -36.17
N SER A 239 5.17 -6.82 -35.30
CA SER A 239 5.55 -8.25 -35.19
C SER A 239 4.29 -9.08 -34.96
N PHE A 240 3.38 -8.58 -34.13
CA PHE A 240 2.08 -9.23 -33.88
C PHE A 240 1.27 -9.27 -35.17
N GLY A 241 1.28 -8.17 -35.93
CA GLY A 241 0.67 -8.10 -37.27
C GLY A 241 1.13 -9.25 -38.13
N VAL A 242 2.44 -9.49 -38.17
CA VAL A 242 3.03 -10.63 -38.93
C VAL A 242 2.45 -11.93 -38.37
N VAL A 243 2.31 -12.01 -37.04
CA VAL A 243 1.74 -13.21 -36.35
C VAL A 243 0.30 -13.37 -36.82
N LEU A 244 -0.45 -12.28 -36.84
CA LEU A 244 -1.87 -12.29 -37.29
C LEU A 244 -1.91 -12.76 -38.74
N LEU A 245 -0.93 -12.36 -39.56
CA LEU A 245 -0.85 -12.84 -40.97
C LEU A 245 -0.53 -14.34 -40.92
N GLU A 246 0.37 -14.75 -40.04
CA GLU A 246 0.73 -16.17 -39.84
C GLU A 246 -0.52 -16.96 -39.46
N ILE A 247 -1.29 -16.41 -38.52
CA ILE A 247 -2.53 -17.05 -38.00
C ILE A 247 -3.53 -17.17 -39.14
N ILE A 248 -3.77 -16.07 -39.86
CA ILE A 248 -4.72 -16.01 -41.01
C ILE A 248 -4.29 -17.00 -42.08
N THR A 249 -3.01 -17.01 -42.42
CA THR A 249 -2.48 -17.65 -43.66
C THR A 249 -1.96 -19.06 -43.36
N GLY A 250 -1.63 -19.35 -42.10
CA GLY A 250 -0.88 -20.55 -41.71
C GLY A 250 0.53 -20.53 -42.27
N LEU A 251 0.91 -19.43 -42.91
CA LEU A 251 2.24 -19.27 -43.54
C LEU A 251 3.19 -18.77 -42.47
N PRO A 252 4.42 -19.32 -42.36
CA PRO A 252 5.43 -18.71 -41.49
C PRO A 252 5.80 -17.32 -42.05
N ALA A 253 6.18 -16.39 -41.17
CA ALA A 253 6.58 -15.01 -41.52
C ALA A 253 7.59 -15.06 -42.68
N VAL A 254 8.51 -16.02 -42.62
CA VAL A 254 9.54 -16.22 -43.67
C VAL A 254 9.52 -17.69 -44.08
N ASP A 255 9.51 -17.91 -45.39
CA ASP A 255 9.79 -19.22 -46.02
C ASP A 255 10.69 -18.92 -47.21
N GLU A 256 11.97 -19.30 -47.14
CA GLU A 256 12.95 -19.01 -48.22
C GLU A 256 12.45 -19.65 -49.53
N HIS A 257 11.76 -20.79 -49.42
CA HIS A 257 11.27 -21.62 -50.55
C HIS A 257 9.86 -21.19 -50.96
N ARG A 258 9.44 -19.97 -50.60
CA ARG A 258 8.12 -19.39 -50.93
C ARG A 258 8.33 -18.04 -51.63
N GLU A 259 7.38 -17.65 -52.48
CA GLU A 259 7.26 -16.27 -53.01
C GLU A 259 5.87 -15.75 -52.67
N PRO A 260 5.74 -14.64 -51.89
CA PRO A 260 6.87 -13.94 -51.30
C PRO A 260 7.46 -14.69 -50.09
N GLN A 261 8.78 -14.60 -49.91
CA GLN A 261 9.51 -15.27 -48.82
C GLN A 261 8.98 -14.71 -47.49
N LEU A 262 8.79 -13.39 -47.45
CA LEU A 262 8.29 -12.69 -46.24
C LEU A 262 6.77 -12.62 -46.31
N LEU A 263 6.11 -13.11 -45.27
CA LEU A 263 4.63 -13.13 -45.20
C LEU A 263 4.12 -11.69 -45.25
N LEU A 264 4.82 -10.74 -44.61
CA LEU A 264 4.35 -9.34 -44.51
C LEU A 264 4.29 -8.70 -45.92
N ASP A 265 4.98 -9.27 -46.91
CA ASP A 265 4.85 -8.85 -48.32
C ASP A 265 3.42 -9.09 -48.80
N ILE A 266 2.78 -10.19 -48.38
CA ILE A 266 1.40 -10.54 -48.83
C ILE A 266 0.45 -9.40 -48.46
N LYS A 267 0.76 -8.66 -47.39
CA LYS A 267 0.01 -7.44 -47.00
C LYS A 267 0.07 -6.43 -48.15
N GLU A 268 1.26 -6.24 -48.74
CA GLU A 268 1.47 -5.32 -49.89
C GLU A 268 0.73 -5.87 -51.11
N GLU A 269 0.81 -7.20 -51.32
CA GLU A 269 0.13 -7.90 -52.44
C GLU A 269 -1.39 -7.74 -52.29
N ILE A 270 -1.91 -7.78 -51.06
CA ILE A 270 -3.37 -7.65 -50.78
C ILE A 270 -3.78 -6.19 -50.91
N GLU A 271 -2.96 -5.25 -50.40
CA GLU A 271 -3.23 -3.78 -50.48
C GLU A 271 -3.21 -3.35 -51.96
N ASP A 272 -2.29 -3.91 -52.76
CA ASP A 272 -2.16 -3.62 -54.22
C ASP A 272 -3.19 -4.42 -55.01
N GLU A 273 -4.07 -5.16 -54.34
CA GLU A 273 -5.19 -5.94 -54.93
C GLU A 273 -4.67 -6.95 -55.96
N GLU A 274 -3.36 -7.24 -55.95
CA GLU A 274 -2.76 -8.34 -56.76
C GLU A 274 -3.37 -9.66 -56.29
N LYS A 275 -3.39 -9.85 -54.97
CA LYS A 275 -3.99 -10.98 -54.23
C LYS A 275 -5.04 -10.43 -53.25
N THR A 276 -6.00 -11.27 -52.87
CA THR A 276 -7.02 -11.05 -51.81
C THR A 276 -6.53 -11.74 -50.52
N ILE A 277 -7.08 -11.42 -49.36
CA ILE A 277 -6.74 -12.14 -48.10
C ILE A 277 -7.18 -13.61 -48.23
N GLU A 278 -8.32 -13.87 -48.87
CA GLU A 278 -8.87 -15.23 -49.09
C GLU A 278 -7.87 -16.07 -49.89
N ASP A 279 -7.04 -15.46 -50.74
CA ASP A 279 -5.99 -16.18 -51.51
C ASP A 279 -4.92 -16.72 -50.55
N TYR A 280 -4.64 -15.99 -49.47
CA TYR A 280 -3.56 -16.32 -48.50
C TYR A 280 -4.16 -16.96 -47.23
N ILE A 281 -5.46 -16.78 -46.99
CA ILE A 281 -6.20 -17.41 -45.87
C ILE A 281 -5.79 -18.90 -45.80
N ASP A 282 -5.45 -19.37 -44.60
CA ASP A 282 -5.02 -20.78 -44.40
C ASP A 282 -6.15 -21.69 -44.87
N LYS A 283 -5.87 -22.54 -45.86
CA LYS A 283 -6.84 -23.49 -46.43
C LYS A 283 -7.09 -24.61 -45.39
N LYS A 284 -6.15 -24.81 -44.46
CA LYS A 284 -6.24 -25.85 -43.42
C LYS A 284 -7.21 -25.43 -42.32
N MET A 285 -8.17 -24.57 -42.61
CA MET A 285 -9.31 -24.24 -41.73
C MET A 285 -10.59 -24.47 -42.53
N ASN A 286 -11.68 -24.83 -41.84
CA ASN A 286 -13.03 -24.96 -42.44
C ASN A 286 -13.95 -23.90 -41.83
N ASP A 287 -13.56 -23.30 -40.70
CA ASP A 287 -14.43 -22.46 -39.83
C ASP A 287 -14.02 -20.99 -39.94
N ALA A 288 -13.12 -20.65 -40.86
CA ALA A 288 -12.74 -19.27 -41.17
C ALA A 288 -13.94 -18.63 -41.89
N ASP A 289 -14.54 -17.61 -41.26
CA ASP A 289 -15.53 -16.72 -41.93
C ASP A 289 -14.77 -15.51 -42.44
N SER A 290 -15.09 -15.06 -43.65
CA SER A 290 -14.45 -13.90 -44.32
C SER A 290 -14.44 -12.69 -43.38
N THR A 291 -15.56 -12.42 -42.71
CA THR A 291 -15.76 -11.22 -41.85
C THR A 291 -14.65 -11.12 -40.80
N SER A 292 -14.48 -12.17 -39.97
CA SER A 292 -13.53 -12.17 -38.83
C SER A 292 -12.09 -12.29 -39.36
N VAL A 293 -11.89 -13.03 -40.45
CA VAL A 293 -10.57 -13.14 -41.13
C VAL A 293 -10.18 -11.77 -41.69
N GLU A 294 -11.10 -11.10 -42.39
CA GLU A 294 -10.90 -9.70 -42.85
C GLU A 294 -10.72 -8.82 -41.62
N ALA A 295 -11.52 -9.02 -40.58
CA ALA A 295 -11.41 -8.28 -39.31
C ALA A 295 -9.99 -8.47 -38.75
N MET A 296 -9.51 -9.71 -38.70
CA MET A 296 -8.14 -10.00 -38.19
C MET A 296 -7.12 -9.45 -39.17
N TYR A 297 -7.33 -9.62 -40.47
CA TYR A 297 -6.40 -9.09 -41.49
C TYR A 297 -6.31 -7.57 -41.31
N SER A 298 -7.46 -6.93 -41.09
CA SER A 298 -7.57 -5.47 -40.83
C SER A 298 -6.68 -5.12 -39.63
N VAL A 299 -6.73 -5.92 -38.57
CA VAL A 299 -5.84 -5.74 -37.39
C VAL A 299 -4.40 -5.99 -37.83
N ALA A 300 -4.15 -7.11 -38.50
CA ALA A 300 -2.83 -7.45 -39.07
C ALA A 300 -2.32 -6.24 -39.86
N SER A 301 -3.11 -5.77 -40.84
CA SER A 301 -2.77 -4.64 -41.72
C SER A 301 -2.39 -3.43 -40.88
N GLN A 302 -3.25 -3.05 -39.94
CA GLN A 302 -3.07 -1.87 -39.06
C GLN A 302 -1.79 -2.03 -38.25
N CYS A 303 -1.56 -3.21 -37.69
CA CYS A 303 -0.33 -3.59 -36.95
C CYS A 303 0.89 -3.45 -37.86
N LEU A 304 0.72 -3.75 -39.14
CA LEU A 304 1.81 -3.83 -40.14
C LEU A 304 1.96 -2.49 -40.86
N HIS A 305 1.29 -1.44 -40.39
CA HIS A 305 1.58 -0.06 -40.86
C HIS A 305 3.08 0.18 -40.68
N GLU A 306 3.78 0.48 -41.78
CA GLU A 306 5.25 0.64 -41.79
C GLU A 306 5.61 1.88 -40.95
N LYS A 307 4.66 2.79 -40.78
CA LYS A 307 4.76 3.98 -39.89
C LYS A 307 4.34 3.58 -38.47
N LYS A 308 5.31 3.40 -37.57
CA LYS A 308 5.11 2.88 -36.18
C LYS A 308 3.96 3.61 -35.48
N ASN A 309 3.82 4.92 -35.70
CA ASN A 309 2.87 5.79 -34.94
C ASN A 309 1.45 5.62 -35.46
N LYS A 310 1.28 5.13 -36.70
CA LYS A 310 -0.05 4.93 -37.33
C LYS A 310 -0.57 3.54 -36.99
N ARG A 311 0.27 2.70 -36.36
CA ARG A 311 -0.15 1.36 -35.86
C ARG A 311 -1.03 1.52 -34.65
N PRO A 312 -1.97 0.57 -34.44
CA PRO A 312 -2.75 0.55 -33.21
C PRO A 312 -1.76 0.22 -32.08
N ASP A 313 -1.95 0.83 -30.90
CA ASP A 313 -1.27 0.32 -29.69
C ASP A 313 -1.90 -1.06 -29.42
N ILE A 314 -1.27 -1.86 -28.59
CA ILE A 314 -1.75 -3.25 -28.32
C ILE A 314 -3.20 -3.20 -27.79
N LYS A 315 -3.55 -2.16 -27.02
CA LYS A 315 -4.92 -2.01 -26.45
C LYS A 315 -5.93 -1.98 -27.61
N LYS A 316 -5.68 -1.17 -28.65
CA LYS A 316 -6.52 -1.09 -29.86
C LYS A 316 -6.54 -2.46 -30.53
N VAL A 317 -5.39 -3.09 -30.68
CA VAL A 317 -5.25 -4.46 -31.26
C VAL A 317 -6.16 -5.40 -30.48
N GLN A 318 -6.07 -5.38 -29.15
CA GLN A 318 -6.93 -6.17 -28.24
C GLN A 318 -8.39 -5.90 -28.59
N GLN A 319 -8.79 -4.64 -28.54
CA GLN A 319 -10.19 -4.19 -28.78
C GLN A 319 -10.65 -4.70 -30.15
N LEU A 320 -9.78 -4.60 -31.16
CA LEU A 320 -10.13 -4.98 -32.56
C LEU A 320 -10.26 -6.50 -32.66
N LEU A 321 -9.44 -7.23 -31.91
CA LEU A 321 -9.44 -8.72 -31.91
C LEU A 321 -10.60 -9.22 -31.05
N GLN A 322 -10.98 -8.49 -30.00
CA GLN A 322 -12.22 -8.78 -29.22
C GLN A 322 -13.42 -8.48 -30.13
N GLU A 323 -13.48 -7.26 -30.69
CA GLU A 323 -14.55 -6.83 -31.64
C GLU A 323 -14.72 -7.88 -32.75
N MET A 324 -13.61 -8.45 -33.21
CA MET A 324 -13.55 -9.43 -34.33
C MET A 324 -14.36 -10.68 -34.01
N THR A 325 -14.38 -11.14 -32.76
CA THR A 325 -15.20 -12.30 -32.31
C THR A 325 -16.50 -11.78 -31.65
N ALA A 326 -17.25 -10.94 -32.39
CA ALA A 326 -18.58 -10.40 -32.00
C ALA A 326 -18.54 -9.87 -30.57
N THR B 30 8.44 1.79 15.40
CA THR B 30 9.84 2.31 15.51
C THR B 30 10.68 1.34 16.34
N ARG B 31 12.01 1.38 16.15
CA ARG B 31 13.02 0.81 17.07
C ARG B 31 13.67 1.93 17.88
N PHE B 32 14.04 1.63 19.13
CA PHE B 32 14.66 2.57 20.09
C PHE B 32 16.08 2.10 20.41
N HIS B 33 16.91 2.98 20.96
CA HIS B 33 18.27 2.63 21.43
C HIS B 33 18.16 1.75 22.68
N SER B 34 18.81 0.59 22.70
CA SER B 34 18.96 -0.26 23.90
C SER B 34 20.19 0.23 24.69
N PHE B 35 19.96 0.91 25.81
CA PHE B 35 20.99 1.39 26.76
C PHE B 35 21.31 0.29 27.76
N SER B 36 22.56 0.16 28.18
CA SER B 36 22.94 -0.50 29.46
C SER B 36 22.40 0.38 30.59
N PHE B 37 22.00 -0.24 31.69
CA PHE B 37 21.57 0.47 32.92
C PHE B 37 22.67 1.44 33.35
N TYR B 38 23.94 1.04 33.16
CA TYR B 38 25.11 1.83 33.61
C TYR B 38 25.16 3.15 32.81
N GLU B 39 24.94 3.08 31.49
CA GLU B 39 24.84 4.28 30.63
C GLU B 39 23.84 5.25 31.27
N LEU B 40 22.63 4.76 31.55
CA LEU B 40 21.53 5.56 32.15
C LEU B 40 21.88 5.97 33.57
N LYS B 41 22.58 5.10 34.32
CA LYS B 41 23.17 5.45 35.63
C LYS B 41 24.08 6.66 35.41
N ASN B 42 24.89 6.60 34.37
CA ASN B 42 25.90 7.63 34.03
C ASN B 42 25.22 8.93 33.59
N VAL B 43 24.20 8.85 32.71
CA VAL B 43 23.55 10.05 32.12
C VAL B 43 22.68 10.73 33.20
N THR B 44 22.17 9.96 34.16
CA THR B 44 21.32 10.47 35.27
C THR B 44 22.16 10.76 36.50
N ASN B 45 23.50 10.72 36.37
CA ASN B 45 24.46 10.99 37.47
C ASN B 45 24.17 10.02 38.63
N ASN B 46 24.20 8.73 38.34
CA ASN B 46 23.78 7.63 39.23
C ASN B 46 22.38 7.91 39.76
N PHE B 47 21.43 8.13 38.85
CA PHE B 47 20.00 8.38 39.19
C PHE B 47 19.97 9.26 40.43
N ASP B 48 20.66 10.40 40.34
CA ASP B 48 20.83 11.40 41.43
C ASP B 48 19.46 11.78 41.96
N GLU B 49 19.19 11.39 43.21
CA GLU B 49 17.87 11.56 43.88
C GLU B 49 17.54 13.03 44.11
N ARG B 50 18.53 13.92 44.10
CA ARG B 50 18.32 15.37 44.36
C ARG B 50 17.48 15.96 43.23
N PRO B 51 16.53 16.88 43.52
CA PRO B 51 15.71 17.50 42.48
C PRO B 51 16.53 18.13 41.35
N ILE B 52 15.97 18.16 40.14
CA ILE B 52 16.55 18.86 38.96
C ILE B 52 16.62 20.36 39.27
N SER B 53 15.64 20.85 40.03
CA SER B 53 15.49 22.27 40.44
C SER B 53 16.72 22.76 41.23
N VAL B 54 17.47 21.85 41.87
CA VAL B 54 18.65 22.22 42.71
C VAL B 54 19.92 21.58 42.12
N GLY B 55 19.91 21.26 40.81
CA GLY B 55 21.08 20.77 40.06
C GLY B 55 21.12 19.26 39.97
N GLY B 56 20.21 18.56 40.66
CA GLY B 56 20.15 17.09 40.67
C GLY B 56 19.54 16.55 39.39
N ASN B 57 19.12 15.28 39.40
CA ASN B 57 18.56 14.60 38.21
C ASN B 57 17.11 14.14 38.42
N LYS B 58 16.67 13.97 39.66
CA LYS B 58 15.27 13.52 39.94
C LYS B 58 14.32 14.60 39.47
N MET B 59 13.38 14.30 38.60
CA MET B 59 12.40 15.28 38.07
CA MET B 59 12.39 15.28 38.08
C MET B 59 11.02 15.02 38.69
N GLY B 60 10.69 13.74 38.89
CA GLY B 60 9.42 13.34 39.54
C GLY B 60 9.31 11.83 39.63
N GLU B 61 8.24 11.37 40.28
CA GLU B 61 7.80 9.96 40.31
C GLU B 61 6.57 9.84 39.41
N GLY B 62 6.75 10.15 38.13
CA GLY B 62 5.69 10.29 37.10
C GLY B 62 4.87 8.99 37.02
N GLY B 63 5.56 7.84 36.88
CA GLY B 63 4.94 6.50 36.74
C GLY B 63 4.98 5.71 38.05
N PHE B 64 5.15 4.38 37.95
CA PHE B 64 5.57 3.47 39.06
C PHE B 64 7.04 3.72 39.42
N GLY B 65 7.85 4.03 38.42
CA GLY B 65 9.25 4.42 38.62
C GLY B 65 9.45 5.91 38.79
N VAL B 66 10.68 6.28 39.12
CA VAL B 66 11.17 7.67 39.27
C VAL B 66 11.82 8.08 37.95
N VAL B 67 11.58 9.33 37.52
CA VAL B 67 12.09 9.87 36.22
C VAL B 67 13.24 10.83 36.53
N TYR B 68 14.36 10.65 35.84
CA TYR B 68 15.61 11.41 36.06
C TYR B 68 15.99 12.17 34.79
N LYS B 69 16.37 13.44 34.94
CA LYS B 69 16.98 14.23 33.87
C LYS B 69 18.33 13.58 33.58
N GLY B 70 18.66 13.49 32.30
CA GLY B 70 19.91 12.94 31.83
C GLY B 70 20.26 13.57 30.51
N TYR B 71 21.53 13.47 30.14
CA TYR B 71 22.04 13.86 28.82
C TYR B 71 22.59 12.58 28.19
N VAL B 72 21.90 12.14 27.14
CA VAL B 72 22.46 11.19 26.14
C VAL B 72 23.00 12.01 24.97
N ASN B 73 24.31 11.92 24.72
CA ASN B 73 25.08 12.90 23.93
C ASN B 73 24.65 14.28 24.43
N ASN B 74 24.10 15.13 23.57
CA ASN B 74 23.69 16.52 23.91
C ASN B 74 22.17 16.58 24.06
N THR B 75 21.47 15.45 23.91
CA THR B 75 19.99 15.36 24.06
C THR B 75 19.66 15.22 25.55
N THR B 76 19.00 16.22 26.13
CA THR B 76 18.42 16.10 27.48
C THR B 76 17.35 15.00 27.38
N VAL B 77 17.40 14.03 28.28
CA VAL B 77 16.46 12.87 28.26
C VAL B 77 15.80 12.79 29.64
N ALA B 78 14.59 12.29 29.66
CA ALA B 78 13.90 11.79 30.86
C ALA B 78 14.21 10.29 30.94
N VAL B 79 14.93 9.88 31.98
CA VAL B 79 15.17 8.43 32.23
C VAL B 79 14.22 8.02 33.35
N LYS B 80 13.17 7.28 32.98
CA LYS B 80 12.24 6.64 33.93
C LYS B 80 12.89 5.35 34.39
N LYS B 81 13.46 5.35 35.60
CA LYS B 81 13.93 4.13 36.30
C LYS B 81 12.72 3.51 37.00
N LEU B 82 12.31 2.31 36.58
CA LEU B 82 11.13 1.60 37.12
C LEU B 82 11.48 0.92 38.45
N ALA B 83 10.68 1.22 39.47
CA ALA B 83 10.84 0.78 40.87
C ALA B 83 9.55 0.12 41.38
N ALA B 84 9.69 -0.77 42.36
CA ALA B 84 8.63 -1.56 43.04
C ALA B 84 7.42 -0.67 43.37
N MET B 85 7.65 0.48 44.02
CA MET B 85 6.63 1.44 44.49
C MET B 85 5.65 0.73 45.44
N VAL B 86 4.37 0.61 45.06
CA VAL B 86 3.26 0.17 45.97
C VAL B 86 2.58 -1.06 45.38
N ASP B 87 2.89 -2.25 45.91
CA ASP B 87 2.23 -3.55 45.59
C ASP B 87 2.28 -3.85 44.09
N ILE B 88 3.44 -3.59 43.45
CA ILE B 88 3.70 -3.90 42.03
C ILE B 88 4.80 -4.96 41.93
N THR B 89 4.52 -6.07 41.22
CA THR B 89 5.47 -7.18 41.02
C THR B 89 6.45 -6.78 39.91
N THR B 90 7.66 -7.37 39.93
CA THR B 90 8.69 -7.24 38.86
C THR B 90 8.09 -7.62 37.51
N GLU B 91 7.35 -8.74 37.42
CA GLU B 91 6.71 -9.21 36.17
C GLU B 91 5.76 -8.14 35.62
N GLU B 92 4.88 -7.60 36.47
CA GLU B 92 3.89 -6.54 36.11
C GLU B 92 4.64 -5.29 35.63
N LEU B 93 5.74 -4.95 36.33
CA LEU B 93 6.60 -3.77 36.02
C LEU B 93 7.28 -3.99 34.66
N LYS B 94 7.77 -5.21 34.40
CA LYS B 94 8.41 -5.63 33.12
C LYS B 94 7.35 -5.56 32.01
N GLN B 95 6.13 -6.01 32.29
CA GLN B 95 5.00 -5.98 31.33
C GLN B 95 4.69 -4.52 30.98
N GLN B 96 4.73 -3.64 31.99
CA GLN B 96 4.44 -2.19 31.84
C GLN B 96 5.58 -1.49 31.10
N PHE B 97 6.80 -1.95 31.30
CA PHE B 97 7.99 -1.55 30.53
C PHE B 97 7.79 -1.97 29.08
N ASP B 98 7.53 -3.27 28.87
CA ASP B 98 7.31 -3.89 27.55
C ASP B 98 6.16 -3.17 26.85
N GLN B 99 5.11 -2.81 27.60
CA GLN B 99 3.91 -2.11 27.09
C GLN B 99 4.29 -0.68 26.71
N GLU B 100 4.94 0.05 27.62
CA GLU B 100 5.47 1.40 27.34
C GLU B 100 6.21 1.37 26.00
N ILE B 101 7.16 0.46 25.84
CA ILE B 101 7.99 0.35 24.60
C ILE B 101 7.08 -0.06 23.43
N LYS B 102 6.24 -1.09 23.63
CA LYS B 102 5.28 -1.58 22.60
C LYS B 102 4.43 -0.40 22.12
N VAL B 103 3.85 0.36 23.05
CA VAL B 103 2.95 1.52 22.74
C VAL B 103 3.77 2.59 22.03
N MET B 104 4.91 2.94 22.62
CA MET B 104 5.80 4.03 22.15
C MET B 104 6.36 3.72 20.76
N ALA B 105 6.47 2.43 20.42
CA ALA B 105 6.89 1.94 19.09
C ALA B 105 5.79 2.30 18.09
N LYS B 106 4.56 1.83 18.36
CA LYS B 106 3.36 2.09 17.54
C LYS B 106 3.06 3.59 17.53
N CYS B 107 3.22 4.27 18.67
CA CYS B 107 2.59 5.59 18.95
C CYS B 107 3.65 6.69 19.05
N GLN B 108 3.97 7.28 17.90
CA GLN B 108 4.73 8.54 17.79
C GLN B 108 3.70 9.61 17.40
N HIS B 109 3.62 10.66 18.20
CA HIS B 109 2.68 11.80 17.99
C HIS B 109 3.20 12.99 18.78
N GLU B 110 3.03 14.20 18.26
CA GLU B 110 3.58 15.44 18.88
C GLU B 110 3.01 15.63 20.29
N ASN B 111 1.91 14.94 20.64
CA ASN B 111 1.25 15.07 21.96
C ASN B 111 1.40 13.78 22.76
N LEU B 112 2.28 12.88 22.32
CA LEU B 112 2.75 11.73 23.12
C LEU B 112 4.23 11.95 23.40
N VAL B 113 4.67 11.64 24.62
CA VAL B 113 6.12 11.68 24.94
C VAL B 113 6.82 10.75 23.96
N GLU B 114 8.11 10.95 23.73
CA GLU B 114 8.89 10.16 22.76
C GLU B 114 9.88 9.32 23.56
N LEU B 115 9.73 8.00 23.52
CA LEU B 115 10.75 7.04 23.97
C LEU B 115 11.94 7.12 23.00
N LEU B 116 13.12 7.37 23.54
CA LEU B 116 14.39 7.31 22.78
C LEU B 116 14.95 5.90 22.90
N GLY B 117 14.76 5.29 24.06
CA GLY B 117 15.19 3.91 24.33
C GLY B 117 14.98 3.54 25.78
N PHE B 118 15.70 2.53 26.23
CA PHE B 118 15.39 1.79 27.47
C PHE B 118 16.61 0.99 27.88
N SER B 119 16.65 0.57 29.15
CA SER B 119 17.60 -0.41 29.72
C SER B 119 16.78 -1.53 30.36
N SER B 120 16.99 -2.77 29.95
CA SER B 120 16.32 -3.98 30.52
C SER B 120 17.34 -4.91 31.17
N ASP B 121 18.63 -4.57 31.14
CA ASP B 121 19.71 -5.41 31.73
C ASP B 121 19.51 -5.45 33.25
N GLY B 122 18.89 -6.53 33.74
CA GLY B 122 18.60 -6.77 35.17
C GLY B 122 18.30 -5.47 35.91
N ASP B 123 18.82 -5.35 37.15
CA ASP B 123 18.85 -4.08 37.92
C ASP B 123 17.44 -3.48 37.90
N ASP B 124 17.33 -2.15 37.72
CA ASP B 124 16.01 -1.51 37.46
C ASP B 124 15.81 -1.41 35.95
N LEU B 125 14.56 -1.56 35.49
CA LEU B 125 14.16 -1.27 34.10
C LEU B 125 14.13 0.24 33.91
N CYS B 126 14.62 0.72 32.77
CA CYS B 126 14.71 2.16 32.49
C CYS B 126 14.11 2.48 31.13
N LEU B 127 13.35 3.57 31.07
CA LEU B 127 12.80 4.10 29.81
C LEU B 127 13.39 5.48 29.63
N VAL B 128 14.04 5.70 28.49
CA VAL B 128 14.68 6.99 28.14
C VAL B 128 13.74 7.68 27.17
N TYR B 129 13.37 8.91 27.47
CA TYR B 129 12.45 9.72 26.64
C TYR B 129 13.13 11.03 26.27
N VAL B 130 12.69 11.61 25.15
CA VAL B 130 12.91 13.05 24.89
C VAL B 130 12.43 13.76 26.15
N TYR B 131 13.36 14.44 26.80
CA TYR B 131 13.10 15.31 27.95
C TYR B 131 11.91 16.21 27.64
N MET B 132 11.13 16.51 28.68
CA MET B 132 10.03 17.48 28.63
C MET B 132 10.42 18.62 29.57
N PRO B 133 11.00 19.71 29.02
CA PRO B 133 11.53 20.79 29.85
C PRO B 133 10.55 21.31 30.91
N ASN B 134 9.26 21.26 30.61
CA ASN B 134 8.21 21.86 31.48
C ASN B 134 7.56 20.76 32.31
N GLY B 135 8.11 19.55 32.28
CA GLY B 135 7.67 18.41 33.11
C GLY B 135 6.18 18.17 33.01
N SER B 136 5.55 17.79 34.10
CA SER B 136 4.13 17.36 34.13
C SER B 136 3.25 18.60 34.18
N LEU B 137 2.12 18.55 33.51
CA LEU B 137 0.99 19.47 33.70
C LEU B 137 0.71 19.59 35.21
N LEU B 138 0.70 18.45 35.91
CA LEU B 138 0.47 18.42 37.37
C LEU B 138 1.42 19.41 38.04
N ASP B 139 2.71 19.23 37.81
CA ASP B 139 3.81 20.01 38.44
C ASP B 139 3.64 21.47 38.02
N ARG B 140 3.30 21.73 36.76
CA ARG B 140 3.11 23.09 36.22
C ARG B 140 1.82 23.69 36.76
N LEU B 141 0.76 22.91 36.89
CA LEU B 141 -0.52 23.38 37.46
C LEU B 141 -0.31 23.75 38.93
N SER B 142 0.57 23.03 39.63
CA SER B 142 0.87 23.27 41.06
C SER B 142 2.01 24.29 41.19
N CYS B 143 2.55 24.73 40.06
CA CYS B 143 3.73 25.63 39.98
C CYS B 143 4.88 25.08 40.81
N LEU B 144 5.00 23.75 40.83
CA LEU B 144 6.09 23.01 41.52
C LEU B 144 7.42 23.63 41.12
N ASP B 145 8.32 23.84 42.08
CA ASP B 145 9.71 24.33 41.89
C ASP B 145 9.67 25.77 41.35
N GLY B 146 8.53 26.46 41.56
CA GLY B 146 8.41 27.91 41.36
C GLY B 146 8.26 28.27 39.91
N THR B 147 7.92 27.31 39.06
CA THR B 147 7.59 27.59 37.64
C THR B 147 6.39 28.52 37.67
N PRO B 148 6.25 29.43 36.68
CA PRO B 148 5.16 30.39 36.71
C PRO B 148 3.84 29.69 36.40
N PRO B 149 2.71 30.11 37.01
CA PRO B 149 1.41 29.51 36.70
C PRO B 149 1.21 29.47 35.19
N LEU B 150 0.60 28.40 34.71
CA LEU B 150 0.23 28.29 33.28
C LEU B 150 -0.82 29.36 33.01
N SER B 151 -0.61 30.16 31.96
CA SER B 151 -1.66 31.08 31.46
C SER B 151 -2.85 30.21 31.09
N TRP B 152 -4.06 30.74 31.17
CA TRP B 152 -5.25 30.09 30.58
C TRP B 152 -4.93 29.71 29.13
N HIS B 153 -4.33 30.64 28.38
CA HIS B 153 -3.95 30.42 26.98
C HIS B 153 -3.15 29.13 26.88
N MET B 154 -2.13 28.96 27.71
CA MET B 154 -1.22 27.77 27.65
C MET B 154 -2.01 26.53 28.06
N ARG B 155 -2.91 26.69 29.02
CA ARG B 155 -3.76 25.61 29.56
C ARG B 155 -4.69 25.09 28.45
N CYS B 156 -5.22 25.99 27.63
CA CYS B 156 -6.09 25.64 26.49
C CYS B 156 -5.27 24.86 25.47
N LYS B 157 -4.07 25.35 25.16
CA LYS B 157 -3.11 24.65 24.26
C LYS B 157 -2.84 23.27 24.86
N ILE B 158 -2.62 23.20 26.16
CA ILE B 158 -2.23 21.93 26.87
C ILE B 158 -3.41 20.96 26.80
N ALA B 159 -4.59 21.44 27.20
CA ALA B 159 -5.86 20.71 27.08
C ALA B 159 -5.96 20.17 25.66
N GLN B 160 -5.91 21.07 24.67
CA GLN B 160 -6.01 20.73 23.23
C GLN B 160 -4.98 19.66 22.90
N GLY B 161 -3.71 19.93 23.20
CA GLY B 161 -2.59 19.00 22.91
C GLY B 161 -2.82 17.65 23.58
N ALA B 162 -3.13 17.66 24.87
CA ALA B 162 -3.38 16.45 25.67
C ALA B 162 -4.49 15.66 24.99
N ALA B 163 -5.58 16.33 24.62
CA ALA B 163 -6.74 15.72 23.91
C ALA B 163 -6.27 15.18 22.57
N ASN B 164 -5.40 15.91 21.87
CA ASN B 164 -4.82 15.48 20.56
C ASN B 164 -3.99 14.22 20.81
N GLY B 165 -3.26 14.19 21.92
CA GLY B 165 -2.48 13.00 22.33
C GLY B 165 -3.39 11.82 22.59
N ILE B 166 -4.42 12.04 23.41
CA ILE B 166 -5.41 11.00 23.77
C ILE B 166 -6.12 10.57 22.48
N ASN B 167 -6.49 11.53 21.62
CA ASN B 167 -7.18 11.21 20.34
C ASN B 167 -6.29 10.29 19.51
N PHE B 168 -4.99 10.59 19.44
CA PHE B 168 -4.02 9.78 18.68
C PHE B 168 -3.94 8.38 19.28
N LEU B 169 -3.90 8.28 20.61
CA LEU B 169 -3.86 6.98 21.31
C LEU B 169 -5.12 6.19 20.99
N HIS B 170 -6.26 6.86 20.99
CA HIS B 170 -7.59 6.26 20.72
C HIS B 170 -7.73 5.94 19.23
N GLU B 171 -7.28 6.85 18.35
CA GLU B 171 -7.20 6.58 16.89
C GLU B 171 -6.44 5.27 16.70
N ASN B 172 -5.38 5.06 17.49
CA ASN B 172 -4.48 3.88 17.40
C ASN B 172 -4.95 2.80 18.37
N HIS B 173 -6.21 2.87 18.81
CA HIS B 173 -6.88 1.81 19.61
C HIS B 173 -6.00 1.47 20.82
N HIS B 174 -5.44 2.50 21.45
CA HIS B 174 -4.77 2.42 22.77
C HIS B 174 -5.63 3.17 23.78
N ILE B 175 -6.00 2.50 24.86
CA ILE B 175 -6.61 3.13 26.05
C ILE B 175 -5.45 3.40 26.99
N HIS B 176 -5.20 4.66 27.31
CA HIS B 176 -4.07 5.08 28.16
C HIS B 176 -4.25 4.48 29.56
N ARG B 177 -5.43 4.67 30.14
CA ARG B 177 -5.89 4.07 31.42
C ARG B 177 -5.27 4.79 32.62
N ASP B 178 -4.50 5.84 32.38
CA ASP B 178 -3.92 6.67 33.45
C ASP B 178 -3.71 8.09 32.90
N ILE B 179 -4.69 8.59 32.16
CA ILE B 179 -4.72 10.03 31.77
C ILE B 179 -4.82 10.80 33.08
N LYS B 180 -3.75 11.51 33.44
CA LYS B 180 -3.75 12.45 34.58
C LYS B 180 -2.68 13.50 34.30
N SER B 181 -2.81 14.65 34.96
CA SER B 181 -1.90 15.81 34.79
C SER B 181 -0.45 15.35 34.93
N ALA B 182 -0.19 14.38 35.82
CA ALA B 182 1.15 13.84 36.12
C ALA B 182 1.73 13.22 34.85
N ASN B 183 0.86 12.68 33.99
CA ASN B 183 1.19 11.87 32.79
C ASN B 183 0.98 12.69 31.52
N ILE B 184 0.52 13.94 31.65
CA ILE B 184 0.53 14.94 30.56
C ILE B 184 1.77 15.80 30.76
N LEU B 185 2.85 15.51 30.05
CA LEU B 185 4.13 16.23 30.20
C LEU B 185 4.15 17.40 29.22
N LEU B 186 5.01 18.38 29.46
CA LEU B 186 5.00 19.68 28.77
C LEU B 186 6.39 19.92 28.19
N ASP B 187 6.48 20.03 26.87
CA ASP B 187 7.76 20.25 26.15
C ASP B 187 8.16 21.72 26.34
N GLU B 188 9.25 22.11 25.71
CA GLU B 188 9.76 23.51 25.65
C GLU B 188 8.59 24.47 25.38
N ALA B 189 7.61 24.08 24.56
CA ALA B 189 6.49 24.94 24.09
C ALA B 189 5.22 24.76 24.93
N PHE B 190 5.30 24.02 26.03
CA PHE B 190 4.11 23.60 26.83
C PHE B 190 3.14 22.85 25.90
N THR B 191 3.69 22.16 24.91
CA THR B 191 2.97 21.11 24.15
C THR B 191 2.68 19.99 25.13
N ALA B 192 1.39 19.66 25.31
CA ALA B 192 0.95 18.51 26.11
C ALA B 192 1.51 17.25 25.46
N LYS B 193 2.29 16.49 26.21
CA LYS B 193 2.79 15.15 25.80
C LYS B 193 2.18 14.15 26.78
N ILE B 194 1.25 13.33 26.32
CA ILE B 194 0.73 12.19 27.12
C ILE B 194 1.91 11.26 27.35
N SER B 195 2.17 10.90 28.60
CA SER B 195 3.25 9.99 28.98
C SER B 195 2.64 8.77 29.70
N ASP B 196 3.48 7.79 29.98
CA ASP B 196 3.19 6.59 30.81
C ASP B 196 2.11 5.76 30.12
N PHE B 197 2.55 4.88 29.22
CA PHE B 197 1.70 3.93 28.47
C PHE B 197 1.94 2.51 29.03
N GLY B 198 2.51 2.42 30.22
CA GLY B 198 2.78 1.14 30.90
C GLY B 198 1.50 0.35 31.09
N LEU B 199 0.43 1.06 31.48
CA LEU B 199 -0.92 0.50 31.73
C LEU B 199 -1.78 0.65 30.47
N ALA B 200 -1.22 1.15 29.36
CA ALA B 200 -1.97 1.33 28.10
C ALA B 200 -2.51 -0.04 27.67
N ARG B 201 -3.63 -0.02 26.95
CA ARG B 201 -4.31 -1.24 26.44
C ARG B 201 -4.63 -1.02 24.97
N ALA B 202 -3.96 -1.80 24.12
CA ALA B 202 -4.25 -1.89 22.67
C ALA B 202 -5.52 -2.75 22.52
N SER B 203 -6.32 -2.53 21.48
CA SER B 203 -7.61 -3.25 21.26
C SER B 203 -7.46 -4.28 20.14
N TPO B 209 -17.51 -3.24 26.22
CA TPO B 209 -16.03 -3.29 26.16
CB TPO B 209 -15.38 -1.91 26.36
CG2 TPO B 209 -14.87 -1.34 25.05
OG1 TPO B 209 -16.37 -0.98 26.94
P TPO B 209 -17.33 0.04 26.10
O1P TPO B 209 -18.23 0.68 27.14
O2P TPO B 209 -18.10 -0.82 25.13
O3P TPO B 209 -16.42 1.05 25.43
C TPO B 209 -15.50 -4.28 27.21
O TPO B 209 -16.26 -4.82 28.01
N VAL B 210 -14.18 -4.51 27.18
CA VAL B 210 -13.57 -5.57 27.97
C VAL B 210 -13.53 -5.13 29.44
N MET B 211 -13.41 -6.11 30.32
CA MET B 211 -13.25 -5.93 31.80
C MET B 211 -11.91 -6.51 32.22
N TPO B 212 -11.43 -6.07 33.38
CA TPO B 212 -10.12 -6.48 33.87
CB TPO B 212 -9.05 -5.43 33.50
CG2 TPO B 212 -9.21 -4.11 34.23
OG1 TPO B 212 -7.74 -5.98 33.86
P TPO B 212 -7.01 -7.07 32.91
O1P TPO B 212 -7.41 -8.42 33.46
O2P TPO B 212 -7.54 -6.83 31.52
O3P TPO B 212 -5.52 -6.77 33.05
C TPO B 212 -10.21 -6.75 35.36
O TPO B 212 -10.99 -6.11 36.07
N SEP B 213 -9.42 -7.73 35.82
CA SEP B 213 -9.31 -8.04 37.23
CB SEP B 213 -8.99 -9.51 37.40
OG SEP B 213 -7.87 -9.79 36.55
C SEP B 213 -8.25 -7.15 37.85
O SEP B 213 -8.38 -6.74 39.00
P SEP B 213 -7.60 -11.33 36.10
O1P SEP B 213 -7.98 -12.24 37.27
O2P SEP B 213 -6.12 -11.42 35.76
O3P SEP B 213 -8.51 -11.53 34.88
N ARG B 214 -7.21 -6.83 37.07
CA ARG B 214 -6.19 -5.88 37.47
C ARG B 214 -6.68 -4.46 37.13
N ILE B 215 -7.51 -3.90 38.01
CA ILE B 215 -7.98 -2.49 37.93
C ILE B 215 -6.78 -1.59 38.21
N VAL B 216 -6.44 -0.73 37.25
CA VAL B 216 -5.26 0.19 37.34
C VAL B 216 -5.68 1.59 36.90
N GLY B 217 -4.83 2.57 37.19
CA GLY B 217 -5.07 3.99 36.93
C GLY B 217 -4.97 4.77 38.22
N THR B 218 -5.27 6.06 38.18
CA THR B 218 -5.19 6.94 39.35
C THR B 218 -6.63 7.25 39.74
N THR B 219 -7.01 6.73 40.91
CA THR B 219 -8.35 6.75 41.49
C THR B 219 -9.02 8.08 41.17
N ALA B 220 -8.34 9.18 41.49
CA ALA B 220 -8.84 10.58 41.47
C ALA B 220 -9.17 11.00 40.04
N TYR B 221 -8.67 10.27 39.05
CA TYR B 221 -8.88 10.56 37.61
C TYR B 221 -9.77 9.48 36.99
N MET B 222 -9.96 8.36 37.66
CA MET B 222 -10.58 7.18 37.01
C MET B 222 -12.10 7.35 36.98
N ALA B 223 -12.66 7.03 35.80
CA ALA B 223 -14.09 6.87 35.56
C ALA B 223 -14.64 5.79 36.48
N PRO B 224 -15.93 5.87 36.86
CA PRO B 224 -16.55 4.81 37.67
C PRO B 224 -16.30 3.43 37.05
N GLU B 225 -16.43 3.31 35.73
CA GLU B 225 -16.32 2.01 35.03
C GLU B 225 -14.87 1.53 35.06
N ALA B 226 -13.90 2.44 34.99
CA ALA B 226 -12.46 2.11 35.08
C ALA B 226 -12.17 1.57 36.49
N LEU B 227 -12.80 2.17 37.50
CA LEU B 227 -12.63 1.78 38.92
C LEU B 227 -13.27 0.41 39.16
N ARG B 228 -14.23 0.02 38.30
CA ARG B 228 -14.91 -1.30 38.38
C ARG B 228 -14.23 -2.30 37.46
N GLY B 229 -13.21 -1.86 36.72
CA GLY B 229 -12.36 -2.76 35.90
C GLY B 229 -12.77 -2.79 34.46
N GLU B 230 -13.74 -1.98 34.05
CA GLU B 230 -14.02 -1.78 32.61
C GLU B 230 -12.77 -1.12 32.01
N ILE B 231 -12.33 -1.63 30.87
CA ILE B 231 -11.25 -1.02 30.03
C ILE B 231 -11.92 -0.50 28.77
N THR B 232 -12.06 0.82 28.68
CA THR B 232 -12.69 1.52 27.53
C THR B 232 -11.98 2.85 27.36
N PRO B 233 -11.79 3.34 26.11
CA PRO B 233 -11.25 4.68 25.89
C PRO B 233 -12.07 5.72 26.66
N LYS B 234 -13.36 5.46 26.82
CA LYS B 234 -14.31 6.37 27.52
C LYS B 234 -13.76 6.74 28.90
N SER B 235 -13.05 5.82 29.57
CA SER B 235 -12.40 6.03 30.88
C SER B 235 -11.33 7.13 30.78
N ASP B 236 -10.57 7.15 29.69
CA ASP B 236 -9.50 8.16 29.41
C ASP B 236 -10.15 9.54 29.29
N ILE B 237 -11.29 9.58 28.61
CA ILE B 237 -12.08 10.82 28.42
C ILE B 237 -12.42 11.34 29.81
N TYR B 238 -12.93 10.45 30.67
CA TYR B 238 -13.31 10.81 32.04
C TYR B 238 -12.08 11.40 32.75
N SER B 239 -11.00 10.62 32.72
CA SER B 239 -9.69 10.98 33.32
C SER B 239 -9.22 12.32 32.77
N PHE B 240 -9.42 12.53 31.47
CA PHE B 240 -9.09 13.80 30.80
C PHE B 240 -9.97 14.91 31.36
N GLY B 241 -11.25 14.62 31.57
CA GLY B 241 -12.19 15.55 32.24
C GLY B 241 -11.62 16.03 33.56
N VAL B 242 -11.11 15.12 34.38
CA VAL B 242 -10.45 15.45 35.67
C VAL B 242 -9.27 16.36 35.37
N VAL B 243 -8.51 16.06 34.31
CA VAL B 243 -7.33 16.86 33.88
C VAL B 243 -7.82 18.26 33.51
N LEU B 244 -8.91 18.34 32.75
CA LEU B 244 -9.50 19.63 32.33
C LEU B 244 -9.92 20.38 33.59
N LEU B 245 -10.44 19.69 34.61
CA LEU B 245 -10.78 20.35 35.92
C LEU B 245 -9.48 20.80 36.57
N GLU B 246 -8.44 19.98 36.51
CA GLU B 246 -7.10 20.32 37.04
C GLU B 246 -6.60 21.58 36.33
N ILE B 247 -6.73 21.61 35.02
CA ILE B 247 -6.25 22.73 34.16
C ILE B 247 -7.04 23.98 34.54
N ILE B 248 -8.36 23.88 34.60
CA ILE B 248 -9.26 25.01 34.94
C ILE B 248 -8.94 25.53 36.34
N THR B 249 -8.80 24.61 37.30
CA THR B 249 -8.80 24.92 38.75
C THR B 249 -7.39 25.10 39.29
N GLY B 250 -6.39 24.54 38.60
CA GLY B 250 -5.02 24.40 39.11
C GLY B 250 -4.98 23.44 40.29
N LEU B 251 -6.11 22.81 40.62
CA LEU B 251 -6.22 21.88 41.76
C LEU B 251 -5.81 20.50 41.27
N PRO B 252 -4.99 19.75 42.04
CA PRO B 252 -4.75 18.35 41.71
C PRO B 252 -6.05 17.55 41.85
N ALA B 253 -6.24 16.51 41.05
CA ALA B 253 -7.43 15.61 41.09
C ALA B 253 -7.72 15.22 42.54
N VAL B 254 -6.68 14.94 43.31
CA VAL B 254 -6.80 14.57 44.74
C VAL B 254 -5.86 15.44 45.55
N ASP B 255 -6.37 15.99 46.65
CA ASP B 255 -5.58 16.62 47.73
C ASP B 255 -6.24 16.15 49.03
N GLU B 256 -5.56 15.28 49.80
CA GLU B 256 -6.13 14.72 51.05
C GLU B 256 -6.45 15.88 52.01
N HIS B 257 -5.64 16.95 51.95
CA HIS B 257 -5.72 18.13 52.85
C HIS B 257 -6.64 19.20 52.26
N ARG B 258 -7.52 18.82 51.35
CA ARG B 258 -8.51 19.72 50.69
C ARG B 258 -9.92 19.13 50.87
N GLU B 259 -10.93 19.99 50.89
CA GLU B 259 -12.36 19.59 50.77
C GLU B 259 -12.96 20.35 49.59
N PRO B 260 -13.47 19.66 48.54
CA PRO B 260 -13.42 18.19 48.45
C PRO B 260 -12.02 17.68 48.09
N GLN B 261 -11.66 16.50 48.61
CA GLN B 261 -10.33 15.87 48.39
C GLN B 261 -10.21 15.58 46.90
N LEU B 262 -11.28 15.06 46.30
CA LEU B 262 -11.34 14.71 44.87
C LEU B 262 -11.83 15.93 44.09
N LEU B 263 -11.06 16.35 43.09
CA LEU B 263 -11.38 17.51 42.25
C LEU B 263 -12.70 17.24 41.53
N LEU B 264 -12.94 15.99 41.11
CA LEU B 264 -14.14 15.65 40.29
C LEU B 264 -15.42 15.87 41.13
N ASP B 265 -15.30 15.93 42.45
CA ASP B 265 -16.44 16.33 43.34
C ASP B 265 -16.85 17.77 43.02
N ILE B 266 -15.91 18.67 42.72
CA ILE B 266 -16.22 20.11 42.45
C ILE B 266 -17.18 20.18 41.27
N LYS B 267 -17.13 19.21 40.35
CA LYS B 267 -18.09 19.10 39.23
C LYS B 267 -19.50 18.95 39.81
N GLU B 268 -19.65 18.11 40.84
CA GLU B 268 -20.94 17.88 41.54
C GLU B 268 -21.32 19.16 42.28
N GLU B 269 -20.36 19.83 42.93
CA GLU B 269 -20.59 21.09 43.67
C GLU B 269 -21.01 22.20 42.70
N ILE B 270 -20.48 22.19 41.47
CA ILE B 270 -20.82 23.19 40.42
C ILE B 270 -22.19 22.85 39.83
N GLU B 271 -22.47 21.57 39.57
CA GLU B 271 -23.76 21.09 39.02
C GLU B 271 -24.87 21.36 40.04
N ASP B 272 -24.58 21.17 41.33
CA ASP B 272 -25.54 21.41 42.46
C ASP B 272 -25.58 22.91 42.81
N GLU B 273 -24.89 23.75 42.03
CA GLU B 273 -24.89 25.23 42.12
C GLU B 273 -24.47 25.68 43.53
N GLU B 274 -23.87 24.79 44.33
CA GLU B 274 -23.23 25.16 45.62
C GLU B 274 -22.11 26.16 45.32
N LYS B 275 -21.26 25.81 44.35
CA LYS B 275 -20.16 26.64 43.79
C LYS B 275 -20.39 26.80 42.29
N THR B 276 -19.82 27.83 41.65
CA THR B 276 -19.73 27.91 40.17
C THR B 276 -18.28 27.62 39.75
N ILE B 277 -18.02 27.49 38.45
CA ILE B 277 -16.66 27.16 37.93
C ILE B 277 -15.69 28.29 38.32
N GLU B 278 -16.13 29.55 38.27
CA GLU B 278 -15.32 30.74 38.63
C GLU B 278 -14.82 30.63 40.08
N ASP B 279 -15.55 29.95 40.96
CA ASP B 279 -15.13 29.73 42.37
C ASP B 279 -13.91 28.82 42.40
N TYR B 280 -13.83 27.85 41.48
CA TYR B 280 -12.77 26.82 41.44
C TYR B 280 -11.72 27.16 40.36
N ILE B 281 -12.06 28.04 39.41
CA ILE B 281 -11.14 28.56 38.37
C ILE B 281 -9.81 28.92 39.04
N ASP B 282 -8.70 28.47 38.47
CA ASP B 282 -7.36 28.75 39.03
C ASP B 282 -7.18 30.27 39.06
N LYS B 283 -6.96 30.81 40.26
CA LYS B 283 -6.75 32.25 40.49
C LYS B 283 -5.37 32.63 39.95
N LYS B 284 -4.46 31.65 39.82
CA LYS B 284 -3.07 31.87 39.33
C LYS B 284 -3.05 32.07 37.82
N MET B 285 -4.15 32.53 37.22
CA MET B 285 -4.22 32.97 35.81
C MET B 285 -4.81 34.38 35.81
N ASN B 286 -4.43 35.19 34.82
CA ASN B 286 -5.00 36.55 34.60
C ASN B 286 -5.75 36.57 33.26
N ASP B 287 -5.53 35.56 32.41
CA ASP B 287 -5.96 35.55 30.98
C ASP B 287 -7.10 34.53 30.79
N ALA B 288 -7.61 33.97 31.88
CA ALA B 288 -8.80 33.10 31.85
C ALA B 288 -10.02 33.98 31.54
N ASP B 289 -10.65 33.76 30.39
CA ASP B 289 -11.97 34.36 30.07
C ASP B 289 -13.03 33.33 30.45
N SER B 290 -14.13 33.78 31.06
CA SER B 290 -15.26 32.95 31.53
C SER B 290 -15.71 32.02 30.39
N THR B 291 -15.86 32.55 29.18
CA THR B 291 -16.41 31.82 27.99
C THR B 291 -15.63 30.53 27.75
N SER B 292 -14.31 30.62 27.57
CA SER B 292 -13.44 29.45 27.21
C SER B 292 -13.26 28.55 28.44
N VAL B 293 -13.22 29.13 29.63
CA VAL B 293 -13.14 28.37 30.91
C VAL B 293 -14.44 27.58 31.08
N GLU B 294 -15.59 28.22 30.89
CA GLU B 294 -16.91 27.54 30.87
C GLU B 294 -16.91 26.53 29.72
N ALA B 295 -16.39 26.92 28.55
CA ALA B 295 -16.27 26.03 27.38
C ALA B 295 -15.45 24.80 27.79
N MET B 296 -14.31 25.00 28.44
CA MET B 296 -13.45 23.87 28.89
C MET B 296 -14.15 23.12 30.01
N TYR B 297 -14.77 23.83 30.96
CA TYR B 297 -15.50 23.16 32.05
C TYR B 297 -16.60 22.29 31.45
N SER B 298 -17.29 22.82 30.44
CA SER B 298 -18.33 22.10 29.67
C SER B 298 -17.74 20.81 29.11
N VAL B 299 -16.52 20.88 28.55
CA VAL B 299 -15.81 19.67 28.04
C VAL B 299 -15.48 18.80 29.26
N ALA B 300 -14.88 19.37 30.29
CA ALA B 300 -14.58 18.68 31.56
C ALA B 300 -15.84 17.95 32.02
N SER B 301 -16.95 18.68 32.19
CA SER B 301 -18.26 18.15 32.64
C SER B 301 -18.65 16.97 31.78
N GLN B 302 -18.67 17.17 30.47
CA GLN B 302 -19.09 16.14 29.47
C GLN B 302 -18.21 14.91 29.59
N CYS B 303 -16.89 15.12 29.69
CA CYS B 303 -15.86 14.07 29.91
C CYS B 303 -16.15 13.33 31.22
N LEU B 304 -16.65 14.05 32.22
CA LEU B 304 -16.85 13.54 33.60
C LEU B 304 -18.28 13.02 33.77
N HIS B 305 -19.04 12.88 32.69
CA HIS B 305 -20.32 12.15 32.73
C HIS B 305 -20.04 10.78 33.31
N GLU B 306 -20.71 10.43 34.42
CA GLU B 306 -20.47 9.17 35.16
C GLU B 306 -20.92 8.00 34.28
N LYS B 307 -21.80 8.27 33.31
CA LYS B 307 -22.25 7.32 32.27
C LYS B 307 -21.27 7.36 31.09
N LYS B 308 -20.40 6.36 30.98
CA LYS B 308 -19.28 6.30 29.98
C LYS B 308 -19.78 6.64 28.56
N ASN B 309 -21.00 6.21 28.20
CA ASN B 309 -21.53 6.30 26.82
C ASN B 309 -22.03 7.71 26.52
N LYS B 310 -22.34 8.50 27.55
CA LYS B 310 -22.84 9.89 27.41
C LYS B 310 -21.64 10.85 27.35
N ARG B 311 -20.43 10.36 27.59
CA ARG B 311 -19.19 11.15 27.45
C ARG B 311 -18.88 11.36 25.98
N PRO B 312 -18.22 12.49 25.65
CA PRO B 312 -17.75 12.71 24.29
C PRO B 312 -16.64 11.70 24.06
N ASP B 313 -16.53 11.12 22.86
CA ASP B 313 -15.29 10.40 22.47
C ASP B 313 -14.22 11.48 22.40
N ILE B 314 -12.94 11.09 22.38
CA ILE B 314 -11.81 12.04 22.38
C ILE B 314 -11.94 12.99 21.18
N LYS B 315 -12.44 12.51 20.03
CA LYS B 315 -12.61 13.34 18.81
C LYS B 315 -13.51 14.53 19.15
N LYS B 316 -14.66 14.27 19.78
CA LYS B 316 -15.60 15.34 20.23
C LYS B 316 -14.87 16.25 21.21
N VAL B 317 -14.15 15.68 22.17
CA VAL B 317 -13.34 16.45 23.18
C VAL B 317 -12.39 17.37 22.41
N GLN B 318 -11.67 16.82 21.43
CA GLN B 318 -10.75 17.58 20.54
C GLN B 318 -11.54 18.76 19.93
N GLN B 319 -12.63 18.45 19.24
CA GLN B 319 -13.47 19.43 18.52
C GLN B 319 -13.92 20.51 19.51
N LEU B 320 -14.32 20.11 20.72
CA LEU B 320 -14.87 21.04 21.74
C LEU B 320 -13.76 21.93 22.27
N LEU B 321 -12.55 21.39 22.38
CA LEU B 321 -11.37 22.10 22.91
C LEU B 321 -10.81 23.00 21.80
N GLN B 322 -10.90 22.58 20.53
CA GLN B 322 -10.58 23.46 19.38
C GLN B 322 -11.62 24.58 19.33
N GLU B 323 -12.91 24.24 19.29
CA GLU B 323 -14.05 25.19 19.29
C GLU B 323 -13.85 26.21 20.42
N MET B 324 -13.37 25.76 21.58
CA MET B 324 -13.20 26.57 22.81
C MET B 324 -12.24 27.74 22.58
N THR B 325 -11.18 27.56 21.77
CA THR B 325 -10.22 28.63 21.41
C THR B 325 -10.58 29.19 20.04
N ALA B 326 -11.53 28.56 19.34
CA ALA B 326 -12.19 29.10 18.13
C ALA B 326 -13.31 30.06 18.58
N ARG C 31 -11.50 6.85 -2.02
CA ARG C 31 -12.86 6.42 -2.45
C ARG C 31 -12.82 5.85 -3.88
N PHE C 32 -14.02 5.56 -4.40
CA PHE C 32 -14.27 4.90 -5.70
C PHE C 32 -14.98 5.87 -6.64
N HIS C 33 -14.99 5.57 -7.94
CA HIS C 33 -15.74 6.34 -8.96
C HIS C 33 -17.23 6.08 -8.76
N SER C 34 -18.03 7.14 -8.70
CA SER C 34 -19.50 7.07 -8.69
C SER C 34 -19.98 7.03 -10.15
N PHE C 35 -20.43 5.86 -10.59
CA PHE C 35 -21.03 5.64 -11.94
C PHE C 35 -22.51 5.97 -11.88
N SER C 36 -23.03 6.57 -12.95
CA SER C 36 -24.49 6.59 -13.22
C SER C 36 -24.90 5.15 -13.52
N PHE C 37 -26.10 4.75 -13.09
CA PHE C 37 -26.67 3.44 -13.44
C PHE C 37 -26.66 3.27 -14.95
N TYR C 38 -26.93 4.37 -15.68
CA TYR C 38 -27.08 4.38 -17.15
C TYR C 38 -25.74 4.01 -17.78
N GLU C 39 -24.64 4.58 -17.28
CA GLU C 39 -23.27 4.24 -17.74
C GLU C 39 -23.13 2.71 -17.66
N LEU C 40 -23.39 2.15 -16.47
CA LEU C 40 -23.27 0.70 -16.20
C LEU C 40 -24.31 -0.06 -17.02
N LYS C 41 -25.52 0.49 -17.21
CA LYS C 41 -26.53 -0.07 -18.12
C LYS C 41 -25.87 -0.17 -19.51
N ASN C 42 -25.20 0.90 -19.90
CA ASN C 42 -24.59 1.05 -21.25
C ASN C 42 -23.42 0.08 -21.41
N VAL C 43 -22.53 -0.01 -20.40
CA VAL C 43 -21.27 -0.82 -20.48
C VAL C 43 -21.63 -2.30 -20.38
N THR C 44 -22.74 -2.64 -19.71
CA THR C 44 -23.19 -4.04 -19.52
C THR C 44 -24.22 -4.41 -20.59
N ASN C 45 -24.40 -3.54 -21.61
CA ASN C 45 -25.34 -3.76 -22.75
C ASN C 45 -26.75 -3.95 -22.17
N ASN C 46 -27.20 -2.95 -21.40
CA ASN C 46 -28.47 -2.99 -20.62
C ASN C 46 -28.47 -4.24 -19.75
N PHE C 47 -27.42 -4.44 -18.94
CA PHE C 47 -27.28 -5.58 -18.01
C PHE C 47 -27.84 -6.82 -18.70
N ASP C 48 -27.28 -7.10 -19.88
CA ASP C 48 -27.68 -8.22 -20.77
C ASP C 48 -27.63 -9.51 -19.94
N GLU C 49 -28.80 -10.10 -19.66
CA GLU C 49 -28.98 -11.26 -18.75
C GLU C 49 -28.38 -12.51 -19.40
N ARG C 50 -28.17 -12.51 -20.72
CA ARG C 50 -27.61 -13.69 -21.45
C ARG C 50 -26.18 -13.92 -20.98
N PRO C 51 -25.74 -15.19 -20.81
CA PRO C 51 -24.36 -15.51 -20.51
C PRO C 51 -23.35 -14.83 -21.45
N ILE C 52 -22.14 -14.57 -20.95
CA ILE C 52 -20.99 -14.09 -21.76
C ILE C 52 -20.70 -15.12 -22.87
N SER C 53 -20.86 -16.41 -22.54
CA SER C 53 -20.57 -17.58 -23.41
C SER C 53 -21.42 -17.53 -24.70
N VAL C 54 -22.56 -16.83 -24.69
CA VAL C 54 -23.47 -16.73 -25.87
C VAL C 54 -23.57 -15.27 -26.34
N GLY C 55 -22.57 -14.45 -26.02
CA GLY C 55 -22.44 -13.06 -26.50
C GLY C 55 -22.96 -12.04 -25.49
N GLY C 56 -23.60 -12.50 -24.41
CA GLY C 56 -24.22 -11.64 -23.39
C GLY C 56 -23.19 -11.05 -22.45
N ASN C 57 -23.66 -10.50 -21.32
CA ASN C 57 -22.85 -9.76 -20.32
C ASN C 57 -22.96 -10.41 -18.95
N LYS C 58 -23.97 -11.24 -18.67
CA LYS C 58 -24.07 -11.96 -17.38
C LYS C 58 -22.88 -12.91 -17.30
N MET C 59 -22.11 -12.80 -16.21
CA MET C 59 -20.93 -13.63 -15.93
C MET C 59 -21.25 -14.63 -14.82
N GLY C 60 -22.06 -14.20 -13.84
CA GLY C 60 -22.37 -14.99 -12.64
C GLY C 60 -23.44 -14.32 -11.82
N GLU C 61 -24.04 -15.07 -10.90
CA GLU C 61 -25.14 -14.58 -10.02
C GLU C 61 -25.05 -15.19 -8.62
N GLY C 62 -25.48 -14.41 -7.63
CA GLY C 62 -25.89 -14.81 -6.27
C GLY C 62 -27.33 -14.34 -6.04
N GLY C 63 -27.95 -14.75 -4.92
CA GLY C 63 -29.25 -14.22 -4.45
C GLY C 63 -29.18 -12.69 -4.28
N PHE C 64 -28.00 -12.15 -3.96
CA PHE C 64 -27.82 -10.73 -3.58
C PHE C 64 -27.71 -9.87 -4.84
N GLY C 65 -27.09 -10.38 -5.91
CA GLY C 65 -26.91 -9.59 -7.15
C GLY C 65 -26.28 -10.40 -8.27
N VAL C 66 -26.55 -10.01 -9.51
CA VAL C 66 -26.00 -10.61 -10.76
C VAL C 66 -24.81 -9.75 -11.19
N VAL C 67 -23.74 -10.37 -11.67
CA VAL C 67 -22.50 -9.68 -12.12
C VAL C 67 -22.45 -9.70 -13.65
N TYR C 68 -22.20 -8.55 -14.25
CA TYR C 68 -22.21 -8.35 -15.71
C TYR C 68 -20.82 -7.89 -16.18
N LYS C 69 -20.34 -8.48 -17.26
CA LYS C 69 -19.15 -7.95 -18.00
C LYS C 69 -19.54 -6.60 -18.55
N GLY C 70 -18.63 -5.63 -18.41
CA GLY C 70 -18.83 -4.26 -18.87
C GLY C 70 -17.49 -3.67 -19.26
N TYR C 71 -17.53 -2.65 -20.12
CA TYR C 71 -16.32 -1.95 -20.63
C TYR C 71 -16.48 -0.48 -20.23
N VAL C 72 -15.76 -0.05 -19.19
CA VAL C 72 -15.68 1.36 -18.72
C VAL C 72 -14.35 1.91 -19.22
N ASN C 73 -14.37 3.03 -19.94
CA ASN C 73 -13.28 3.47 -20.84
C ASN C 73 -12.85 2.22 -21.62
N ASN C 74 -11.60 1.80 -21.50
CA ASN C 74 -11.06 0.61 -22.25
C ASN C 74 -11.01 -0.61 -21.31
N THR C 75 -11.35 -0.44 -20.04
CA THR C 75 -11.15 -1.43 -18.96
C THR C 75 -12.38 -2.34 -18.88
N THR C 76 -12.22 -3.64 -19.10
CA THR C 76 -13.27 -4.65 -18.77
C THR C 76 -13.52 -4.56 -17.26
N VAL C 77 -14.79 -4.44 -16.89
CA VAL C 77 -15.22 -4.36 -15.46
C VAL C 77 -16.24 -5.47 -15.20
N ALA C 78 -16.28 -5.91 -13.95
CA ALA C 78 -17.40 -6.70 -13.41
C ALA C 78 -18.39 -5.72 -12.80
N VAL C 79 -19.59 -5.65 -13.34
CA VAL C 79 -20.68 -4.81 -12.76
C VAL C 79 -21.62 -5.75 -12.03
N LYS C 80 -21.56 -5.75 -10.70
CA LYS C 80 -22.51 -6.47 -9.82
C LYS C 80 -23.74 -5.57 -9.67
N LYS C 81 -24.81 -5.88 -10.41
CA LYS C 81 -26.15 -5.26 -10.22
C LYS C 81 -26.85 -6.01 -9.08
N LEU C 82 -27.10 -5.34 -7.96
CA LEU C 82 -27.83 -5.90 -6.79
C LEU C 82 -29.34 -5.81 -7.07
N ALA C 83 -30.04 -6.96 -7.09
CA ALA C 83 -31.51 -7.07 -7.26
C ALA C 83 -32.06 -7.98 -6.15
N ALA C 84 -33.35 -7.82 -5.78
CA ALA C 84 -34.00 -8.54 -4.66
C ALA C 84 -33.78 -10.06 -4.80
N MET C 85 -34.06 -10.61 -5.98
CA MET C 85 -33.78 -12.00 -6.42
C MET C 85 -34.36 -13.02 -5.42
N VAL C 86 -33.53 -13.73 -4.64
CA VAL C 86 -33.92 -14.84 -3.74
C VAL C 86 -33.69 -14.44 -2.27
N ASP C 87 -34.79 -14.10 -1.57
CA ASP C 87 -34.87 -13.96 -0.09
C ASP C 87 -33.88 -12.91 0.42
N ILE C 88 -33.75 -11.78 -0.29
CA ILE C 88 -32.93 -10.61 0.13
C ILE C 88 -33.85 -9.39 0.32
N THR C 89 -33.81 -8.77 1.51
CA THR C 89 -34.49 -7.48 1.82
C THR C 89 -33.70 -6.34 1.17
N THR C 90 -34.36 -5.27 0.74
CA THR C 90 -33.71 -4.08 0.10
C THR C 90 -32.70 -3.47 1.08
N GLU C 91 -33.09 -3.29 2.33
CA GLU C 91 -32.24 -2.71 3.41
C GLU C 91 -30.98 -3.56 3.57
N GLU C 92 -31.14 -4.89 3.69
CA GLU C 92 -30.03 -5.87 3.86
C GLU C 92 -29.10 -5.79 2.64
N LEU C 93 -29.68 -5.67 1.44
CA LEU C 93 -28.96 -5.59 0.15
C LEU C 93 -28.16 -4.28 0.10
N LYS C 94 -28.76 -3.17 0.54
CA LYS C 94 -28.14 -1.83 0.61
C LYS C 94 -27.01 -1.87 1.65
N GLN C 95 -27.24 -2.55 2.78
CA GLN C 95 -26.23 -2.72 3.86
C GLN C 95 -25.05 -3.50 3.30
N GLN C 96 -25.32 -4.52 2.49
CA GLN C 96 -24.29 -5.42 1.89
C GLN C 96 -23.53 -4.66 0.79
N PHE C 97 -24.23 -3.77 0.08
CA PHE C 97 -23.63 -2.80 -0.88
C PHE C 97 -22.69 -1.89 -0.09
N ASP C 98 -23.24 -1.22 0.93
CA ASP C 98 -22.52 -0.27 1.81
C ASP C 98 -21.32 -0.97 2.43
N GLN C 99 -21.48 -2.25 2.82
CA GLN C 99 -20.43 -3.07 3.46
C GLN C 99 -19.37 -3.42 2.42
N GLU C 100 -19.80 -3.93 1.26
CA GLU C 100 -18.89 -4.20 0.12
C GLU C 100 -18.01 -2.97 -0.09
N ILE C 101 -18.61 -1.79 -0.25
CA ILE C 101 -17.86 -0.51 -0.50
C ILE C 101 -17.01 -0.19 0.73
N LYS C 102 -17.58 -0.25 1.94
CA LYS C 102 -16.88 0.03 3.21
C LYS C 102 -15.64 -0.87 3.29
N VAL C 103 -15.80 -2.17 3.05
CA VAL C 103 -14.70 -3.18 3.14
C VAL C 103 -13.68 -2.87 2.04
N MET C 104 -14.17 -2.72 0.81
CA MET C 104 -13.35 -2.51 -0.41
CA MET C 104 -13.34 -2.51 -0.40
C MET C 104 -12.55 -1.20 -0.30
N ALA C 105 -13.06 -0.24 0.46
CA ALA C 105 -12.39 1.05 0.75
C ALA C 105 -11.16 0.77 1.62
N LYS C 106 -11.40 0.13 2.77
CA LYS C 106 -10.35 -0.26 3.74
C LYS C 106 -9.40 -1.28 3.09
N CYS C 107 -9.95 -2.20 2.29
CA CYS C 107 -9.26 -3.47 1.89
C CYS C 107 -8.92 -3.49 0.40
N GLN C 108 -7.76 -2.91 0.06
CA GLN C 108 -7.11 -3.09 -1.26
C GLN C 108 -5.95 -4.05 -1.04
N HIS C 109 -5.94 -5.15 -1.77
CA HIS C 109 -4.88 -6.20 -1.69
C HIS C 109 -4.89 -6.99 -2.98
N GLU C 110 -3.72 -7.46 -3.44
CA GLU C 110 -3.57 -8.17 -4.74
C GLU C 110 -4.45 -9.43 -4.76
N ASN C 111 -4.90 -9.92 -3.61
CA ASN C 111 -5.72 -11.16 -3.50
C ASN C 111 -7.13 -10.83 -3.03
N LEU C 112 -7.51 -9.55 -3.06
CA LEU C 112 -8.91 -9.09 -2.93
C LEU C 112 -9.33 -8.49 -4.26
N VAL C 113 -10.56 -8.75 -4.70
CA VAL C 113 -11.09 -8.09 -5.91
C VAL C 113 -11.01 -6.59 -5.67
N GLU C 114 -10.98 -5.81 -6.74
CA GLU C 114 -10.87 -4.34 -6.65
C GLU C 114 -12.19 -3.74 -7.10
N LEU C 115 -12.88 -3.07 -6.17
CA LEU C 115 -14.01 -2.17 -6.46
C LEU C 115 -13.42 -0.94 -7.17
N LEU C 116 -13.92 -0.65 -8.37
CA LEU C 116 -13.61 0.59 -9.10
C LEU C 116 -14.60 1.66 -8.68
N GLY C 117 -15.84 1.24 -8.46
CA GLY C 117 -16.92 2.12 -8.01
C GLY C 117 -18.24 1.41 -8.00
N PHE C 118 -19.30 2.21 -8.06
CA PHE C 118 -20.68 1.76 -7.78
C PHE C 118 -21.63 2.73 -8.48
N SER C 119 -22.86 2.28 -8.67
CA SER C 119 -24.02 3.12 -9.05
C SER C 119 -25.11 2.94 -7.99
N SER C 120 -25.50 4.03 -7.33
CA SER C 120 -26.65 4.08 -6.39
C SER C 120 -27.70 5.08 -6.91
N ASP C 121 -27.46 5.72 -8.05
CA ASP C 121 -28.25 6.90 -8.53
C ASP C 121 -29.63 6.44 -9.05
N GLY C 122 -29.71 5.27 -9.69
CA GLY C 122 -30.94 4.85 -10.41
C GLY C 122 -31.19 3.36 -10.29
N ASP C 123 -32.44 2.93 -10.47
CA ASP C 123 -32.86 1.50 -10.49
C ASP C 123 -32.15 0.74 -9.38
N ASP C 124 -31.35 -0.27 -9.74
CA ASP C 124 -30.65 -1.21 -8.85
C ASP C 124 -29.31 -0.61 -8.40
N LEU C 125 -28.85 -1.00 -7.22
CA LEU C 125 -27.47 -0.75 -6.71
C LEU C 125 -26.48 -1.57 -7.54
N CYS C 126 -25.36 -0.98 -7.92
CA CYS C 126 -24.32 -1.62 -8.77
C CYS C 126 -22.96 -1.44 -8.12
N LEU C 127 -22.16 -2.50 -8.14
CA LEU C 127 -20.74 -2.46 -7.72
C LEU C 127 -19.92 -2.77 -8.97
N VAL C 128 -19.01 -1.87 -9.30
CA VAL C 128 -18.11 -2.01 -10.47
C VAL C 128 -16.77 -2.45 -9.93
N TYR C 129 -16.25 -3.55 -10.45
CA TYR C 129 -14.94 -4.09 -10.04
C TYR C 129 -14.03 -4.19 -11.25
N VAL C 130 -12.72 -4.14 -11.00
CA VAL C 130 -11.73 -4.64 -11.97
C VAL C 130 -12.21 -6.03 -12.33
N TYR C 131 -12.52 -6.22 -13.62
CA TYR C 131 -12.88 -7.53 -14.19
C TYR C 131 -11.88 -8.58 -13.71
N MET C 132 -12.37 -9.80 -13.52
CA MET C 132 -11.53 -10.99 -13.24
C MET C 132 -11.71 -11.92 -14.43
N PRO C 133 -10.77 -11.85 -15.42
CA PRO C 133 -10.91 -12.58 -16.66
C PRO C 133 -11.28 -14.05 -16.46
N ASN C 134 -10.77 -14.64 -15.39
CA ASN C 134 -10.82 -16.11 -15.18
C ASN C 134 -11.96 -16.42 -14.21
N GLY C 135 -12.77 -15.41 -13.87
CA GLY C 135 -13.98 -15.55 -13.04
C GLY C 135 -13.68 -16.25 -11.74
N SER C 136 -14.62 -17.05 -11.27
CA SER C 136 -14.57 -17.68 -9.93
C SER C 136 -13.69 -18.93 -10.02
N LEU C 137 -12.95 -19.19 -8.96
CA LEU C 137 -12.31 -20.49 -8.70
C LEU C 137 -13.35 -21.60 -8.88
N LEU C 138 -14.57 -21.39 -8.36
CA LEU C 138 -15.67 -22.37 -8.49
C LEU C 138 -15.83 -22.72 -9.96
N ASP C 139 -16.06 -21.70 -10.79
CA ASP C 139 -16.35 -21.85 -12.24
C ASP C 139 -15.13 -22.50 -12.90
N ARG C 140 -13.91 -22.11 -12.51
CA ARG C 140 -12.66 -22.66 -13.07
C ARG C 140 -12.43 -24.08 -12.56
N LEU C 141 -12.74 -24.36 -11.29
CA LEU C 141 -12.62 -25.73 -10.73
C LEU C 141 -13.61 -26.65 -11.44
N SER C 142 -14.76 -26.13 -11.83
CA SER C 142 -15.83 -26.91 -12.52
C SER C 142 -15.60 -26.87 -14.04
N CYS C 143 -14.57 -26.14 -14.48
CA CYS C 143 -14.26 -25.89 -15.91
C CYS C 143 -15.50 -25.37 -16.64
N LEU C 144 -16.32 -24.58 -15.94
CA LEU C 144 -17.54 -23.95 -16.49
C LEU C 144 -17.17 -23.26 -17.81
N ASP C 145 -18.02 -23.42 -18.84
CA ASP C 145 -17.90 -22.78 -20.17
C ASP C 145 -16.64 -23.29 -20.88
N GLY C 146 -16.15 -24.45 -20.45
CA GLY C 146 -15.10 -25.21 -21.17
C GLY C 146 -13.73 -24.64 -20.95
N THR C 147 -13.55 -23.78 -19.96
CA THR C 147 -12.21 -23.31 -19.54
C THR C 147 -11.40 -24.54 -19.19
N PRO C 148 -10.07 -24.55 -19.42
CA PRO C 148 -9.27 -25.73 -19.14
C PRO C 148 -9.12 -25.92 -17.64
N PRO C 149 -9.09 -27.18 -17.14
CA PRO C 149 -8.90 -27.43 -15.72
C PRO C 149 -7.68 -26.65 -15.21
N LEU C 150 -7.77 -26.15 -13.99
CA LEU C 150 -6.64 -25.49 -13.31
C LEU C 150 -5.57 -26.56 -13.06
N SER C 151 -4.33 -26.27 -13.46
CA SER C 151 -3.15 -27.10 -13.10
C SER C 151 -3.11 -27.12 -11.58
N TRP C 152 -2.57 -28.19 -10.99
CA TRP C 152 -2.22 -28.20 -9.56
C TRP C 152 -1.38 -26.96 -9.25
N HIS C 153 -0.41 -26.67 -10.10
CA HIS C 153 0.48 -25.49 -9.96
C HIS C 153 -0.39 -24.24 -9.77
N MET C 154 -1.37 -24.03 -10.63
CA MET C 154 -2.23 -22.81 -10.59
C MET C 154 -3.07 -22.85 -9.32
N ARG C 155 -3.53 -24.04 -8.95
CA ARG C 155 -4.36 -24.27 -7.76
C ARG C 155 -3.60 -23.91 -6.49
N CYS C 156 -2.31 -24.24 -6.44
CA CYS C 156 -1.41 -23.92 -5.30
C CYS C 156 -1.28 -22.39 -5.22
N LYS C 157 -1.03 -21.76 -6.36
CA LYS C 157 -0.96 -20.28 -6.45
C LYS C 157 -2.29 -19.70 -5.97
N ILE C 158 -3.41 -20.31 -6.39
CA ILE C 158 -4.78 -19.82 -6.09
C ILE C 158 -5.03 -19.96 -4.59
N ALA C 159 -4.78 -21.15 -4.06
CA ALA C 159 -4.85 -21.47 -2.62
C ALA C 159 -4.03 -20.42 -1.88
N GLN C 160 -2.74 -20.29 -2.23
CA GLN C 160 -1.79 -19.33 -1.61
C GLN C 160 -2.41 -17.94 -1.68
N GLY C 161 -2.77 -17.49 -2.87
CA GLY C 161 -3.34 -16.15 -3.11
C GLY C 161 -4.60 -15.95 -2.29
N ALA C 162 -5.53 -16.89 -2.35
CA ALA C 162 -6.81 -16.84 -1.62
C ALA C 162 -6.51 -16.68 -0.14
N ALA C 163 -5.57 -17.48 0.39
CA ALA C 163 -5.12 -17.45 1.80
C ALA C 163 -4.50 -16.09 2.09
N ASN C 164 -3.72 -15.55 1.14
CA ASN C 164 -3.08 -14.21 1.26
C ASN C 164 -4.20 -13.17 1.32
N GLY C 165 -5.24 -13.35 0.52
CA GLY C 165 -6.43 -12.47 0.53
C GLY C 165 -7.12 -12.52 1.88
N ILE C 166 -7.40 -13.74 2.35
CA ILE C 166 -8.06 -13.99 3.65
C ILE C 166 -7.15 -13.44 4.75
N ASN C 167 -5.85 -13.68 4.66
CA ASN C 167 -4.88 -13.17 5.67
C ASN C 167 -4.98 -11.65 5.74
N PHE C 168 -5.03 -10.99 4.59
CA PHE C 168 -5.13 -9.52 4.50
C PHE C 168 -6.45 -9.06 5.14
N LEU C 169 -7.55 -9.77 4.84
CA LEU C 169 -8.88 -9.44 5.41
C LEU C 169 -8.82 -9.56 6.93
N HIS C 170 -8.17 -10.61 7.42
CA HIS C 170 -8.04 -10.92 8.86
C HIS C 170 -7.04 -9.97 9.51
N GLU C 171 -5.92 -9.69 8.84
CA GLU C 171 -4.95 -8.65 9.29
C GLU C 171 -5.75 -7.36 9.53
N ASN C 172 -6.70 -7.06 8.64
CA ASN C 172 -7.53 -5.82 8.66
C ASN C 172 -8.82 -6.08 9.46
N HIS C 173 -8.85 -7.14 10.26
CA HIS C 173 -9.96 -7.44 11.21
C HIS C 173 -11.28 -7.41 10.45
N HIS C 174 -11.28 -8.00 9.25
CA HIS C 174 -12.50 -8.32 8.47
C HIS C 174 -12.66 -9.83 8.45
N ILE C 175 -13.82 -10.30 8.86
CA ILE C 175 -14.24 -11.71 8.69
C ILE C 175 -15.08 -11.70 7.41
N HIS C 176 -14.64 -12.42 6.39
CA HIS C 176 -15.29 -12.46 5.07
C HIS C 176 -16.69 -13.05 5.25
N ARG C 177 -16.77 -14.21 5.90
CA ARG C 177 -18.01 -14.92 6.32
C ARG C 177 -18.66 -15.64 5.14
N ASP C 178 -18.02 -15.60 3.97
CA ASP C 178 -18.50 -16.32 2.78
C ASP C 178 -17.29 -16.64 1.89
N ILE C 179 -16.19 -17.05 2.52
CA ILE C 179 -15.04 -17.62 1.78
C ILE C 179 -15.58 -18.88 1.11
N LYS C 180 -15.67 -18.83 -0.22
CA LYS C 180 -16.03 -20.01 -1.05
C LYS C 180 -15.44 -19.78 -2.44
N SER C 181 -15.25 -20.86 -3.18
CA SER C 181 -14.64 -20.86 -4.53
C SER C 181 -15.35 -19.82 -5.40
N ALA C 182 -16.66 -19.64 -5.22
CA ALA C 182 -17.52 -18.72 -5.99
C ALA C 182 -17.03 -17.28 -5.78
N ASN C 183 -16.46 -17.03 -4.60
CA ASN C 183 -16.07 -15.68 -4.08
C ASN C 183 -14.55 -15.53 -4.13
N ILE C 184 -13.82 -16.56 -4.55
CA ILE C 184 -12.39 -16.47 -4.90
C ILE C 184 -12.31 -16.32 -6.42
N LEU C 185 -12.14 -15.10 -6.91
CA LEU C 185 -12.13 -14.81 -8.36
C LEU C 185 -10.69 -14.88 -8.85
N LEU C 186 -10.53 -15.02 -10.15
CA LEU C 186 -9.22 -15.33 -10.77
C LEU C 186 -8.95 -14.26 -11.83
N ASP C 187 -7.86 -13.52 -11.65
CA ASP C 187 -7.47 -12.40 -12.53
C ASP C 187 -6.82 -13.01 -13.78
N GLU C 188 -6.36 -12.15 -14.67
CA GLU C 188 -5.59 -12.51 -15.89
C GLU C 188 -4.54 -13.59 -15.55
N ALA C 189 -3.93 -13.56 -14.36
CA ALA C 189 -2.80 -14.44 -13.94
C ALA C 189 -3.29 -15.61 -13.10
N PHE C 190 -4.60 -15.82 -12.99
CA PHE C 190 -5.20 -16.80 -12.04
C PHE C 190 -4.69 -16.51 -10.63
N THR C 191 -4.44 -15.22 -10.35
CA THR C 191 -4.30 -14.71 -8.97
C THR C 191 -5.65 -14.85 -8.30
N ALA C 192 -5.71 -15.55 -7.18
CA ALA C 192 -6.90 -15.62 -6.33
C ALA C 192 -7.24 -14.21 -5.85
N LYS C 193 -8.44 -13.74 -6.17
CA LYS C 193 -9.01 -12.50 -5.64
C LYS C 193 -10.23 -12.88 -4.80
N ILE C 194 -10.15 -12.72 -3.49
CA ILE C 194 -11.34 -12.87 -2.61
C ILE C 194 -12.31 -11.78 -3.01
N SER C 195 -13.55 -12.14 -3.29
CA SER C 195 -14.64 -11.20 -3.66
C SER C 195 -15.78 -11.32 -2.66
N ASP C 196 -16.76 -10.44 -2.79
CA ASP C 196 -18.05 -10.43 -2.06
C ASP C 196 -17.78 -10.22 -0.57
N PHE C 197 -17.68 -8.96 -0.17
CA PHE C 197 -17.50 -8.52 1.23
C PHE C 197 -18.80 -7.91 1.76
N GLY C 198 -19.92 -8.20 1.09
CA GLY C 198 -21.26 -7.73 1.47
C GLY C 198 -21.60 -8.19 2.87
N LEU C 199 -21.26 -9.44 3.20
CA LEU C 199 -21.49 -10.08 4.51
C LEU C 199 -20.23 -9.97 5.38
N ALA C 200 -19.20 -9.26 4.92
CA ALA C 200 -17.94 -9.10 5.68
C ALA C 200 -18.27 -8.43 7.02
N ARG C 201 -17.44 -8.66 8.03
CA ARG C 201 -17.67 -8.16 9.42
C ARG C 201 -16.32 -7.70 10.01
N ALA C 202 -16.35 -6.59 10.76
CA ALA C 202 -15.22 -6.07 11.56
C ALA C 202 -14.97 -6.98 12.77
N SER C 203 -13.84 -6.78 13.45
CA SER C 203 -13.40 -7.53 14.66
C SER C 203 -12.57 -6.61 15.56
N TPO C 209 -15.79 -14.78 20.81
CA TPO C 209 -16.06 -13.82 19.71
CB TPO C 209 -15.53 -14.32 18.36
CG2 TPO C 209 -14.29 -13.56 17.92
OG1 TPO C 209 -15.23 -15.76 18.43
P TPO C 209 -13.79 -16.43 18.77
O1P TPO C 209 -14.04 -17.92 18.84
O2P TPO C 209 -13.38 -15.83 20.11
O3P TPO C 209 -12.84 -16.04 17.64
C TPO C 209 -17.58 -13.56 19.63
O TPO C 209 -18.36 -14.19 20.35
N VAL C 210 -17.95 -12.62 18.75
CA VAL C 210 -19.32 -12.13 18.72
C VAL C 210 -20.22 -13.20 18.07
N MET C 211 -21.52 -13.10 18.32
CA MET C 211 -22.59 -13.96 17.76
C MET C 211 -23.54 -13.10 16.95
N TPO C 212 -24.29 -13.73 16.05
CA TPO C 212 -25.19 -13.02 15.16
CB TPO C 212 -24.54 -12.78 13.80
CG2 TPO C 212 -24.31 -14.03 12.99
OG1 TPO C 212 -25.44 -11.92 13.01
P TPO C 212 -25.50 -10.33 13.26
O1P TPO C 212 -26.64 -10.12 14.26
O2P TPO C 212 -24.15 -9.93 13.81
O3P TPO C 212 -25.76 -9.73 11.88
C TPO C 212 -26.51 -13.80 15.08
O TPO C 212 -26.51 -15.03 15.16
N SEP C 213 -27.61 -13.06 14.95
CA SEP C 213 -28.91 -13.67 14.74
CB SEP C 213 -30.01 -12.80 15.36
OG SEP C 213 -30.23 -11.63 14.53
C SEP C 213 -29.12 -13.92 13.26
O SEP C 213 -29.74 -14.91 12.87
P SEP C 213 -30.82 -10.31 15.22
O1P SEP C 213 -32.05 -10.76 15.99
O2P SEP C 213 -31.17 -9.39 14.06
O3P SEP C 213 -29.69 -9.79 16.10
N ARG C 214 -28.56 -13.02 12.43
CA ARG C 214 -28.56 -13.19 10.99
C ARG C 214 -27.36 -14.07 10.61
N ILE C 215 -27.52 -15.38 10.72
CA ILE C 215 -26.51 -16.39 10.26
C ILE C 215 -26.47 -16.32 8.74
N VAL C 216 -25.29 -16.03 8.19
CA VAL C 216 -25.09 -15.86 6.72
C VAL C 216 -23.81 -16.60 6.33
N GLY C 217 -23.62 -16.77 5.02
CA GLY C 217 -22.53 -17.58 4.46
C GLY C 217 -23.11 -18.70 3.62
N THR C 218 -22.25 -19.56 3.09
CA THR C 218 -22.66 -20.69 2.25
C THR C 218 -22.47 -21.95 3.08
N THR C 219 -23.59 -22.58 3.42
CA THR C 219 -23.71 -23.73 4.33
C THR C 219 -22.52 -24.66 4.14
N ALA C 220 -22.29 -25.06 2.89
CA ALA C 220 -21.33 -26.11 2.47
C ALA C 220 -19.89 -25.68 2.76
N TYR C 221 -19.67 -24.39 3.01
CA TYR C 221 -18.35 -23.81 3.35
C TYR C 221 -18.28 -23.39 4.81
N MET C 222 -19.43 -23.30 5.48
CA MET C 222 -19.47 -22.64 6.80
C MET C 222 -19.01 -23.61 7.87
N ALA C 223 -18.17 -23.09 8.76
CA ALA C 223 -17.76 -23.74 10.02
C ALA C 223 -18.99 -24.00 10.87
N PRO C 224 -18.97 -25.04 11.73
CA PRO C 224 -20.08 -25.30 12.65
C PRO C 224 -20.46 -24.02 13.40
N GLU C 225 -19.48 -23.28 13.90
CA GLU C 225 -19.74 -22.08 14.74
C GLU C 225 -20.36 -20.97 13.89
N ALA C 226 -19.98 -20.85 12.62
CA ALA C 226 -20.56 -19.86 11.68
C ALA C 226 -22.04 -20.22 11.46
N LEU C 227 -22.33 -21.52 11.36
CA LEU C 227 -23.70 -22.03 11.14
C LEU C 227 -24.55 -21.83 12.39
N ARG C 228 -23.90 -21.67 13.55
CA ARG C 228 -24.57 -21.39 14.85
C ARG C 228 -24.62 -19.88 15.11
N GLY C 229 -24.03 -19.09 14.23
CA GLY C 229 -24.11 -17.62 14.27
C GLY C 229 -22.91 -16.99 14.94
N GLU C 230 -21.91 -17.77 15.32
CA GLU C 230 -20.61 -17.21 15.77
C GLU C 230 -20.01 -16.49 14.56
N ILE C 231 -19.53 -15.27 14.78
CA ILE C 231 -18.75 -14.50 13.77
C ILE C 231 -17.31 -14.43 14.28
N THR C 232 -16.43 -15.20 13.64
CA THR C 232 -15.00 -15.31 13.98
C THR C 232 -14.23 -15.52 12.69
N PRO C 233 -13.01 -14.94 12.55
CA PRO C 233 -12.15 -15.22 11.40
C PRO C 233 -11.97 -16.73 11.24
N LYS C 234 -11.96 -17.46 12.34
CA LYS C 234 -11.77 -18.93 12.37
C LYS C 234 -12.75 -19.59 11.40
N SER C 235 -13.96 -19.06 11.25
CA SER C 235 -14.99 -19.55 10.30
C SER C 235 -14.50 -19.45 8.85
N ASP C 236 -13.81 -18.37 8.50
CA ASP C 236 -13.24 -18.13 7.16
C ASP C 236 -12.18 -19.18 6.86
N ILE C 237 -11.38 -19.50 7.87
CA ILE C 237 -10.32 -20.54 7.79
C ILE C 237 -11.03 -21.83 7.41
N TYR C 238 -12.09 -22.16 8.12
CA TYR C 238 -12.87 -23.39 7.88
C TYR C 238 -13.34 -23.36 6.42
N SER C 239 -14.02 -22.28 6.05
CA SER C 239 -14.57 -22.05 4.70
C SER C 239 -13.46 -22.17 3.67
N PHE C 240 -12.28 -21.63 3.99
CA PHE C 240 -11.09 -21.74 3.14
C PHE C 240 -10.68 -23.21 3.01
N GLY C 241 -10.73 -23.95 4.12
CA GLY C 241 -10.49 -25.40 4.14
C GLY C 241 -11.37 -26.09 3.11
N VAL C 242 -12.66 -25.76 3.07
CA VAL C 242 -13.61 -26.31 2.07
C VAL C 242 -13.10 -25.91 0.67
N VAL C 243 -12.64 -24.68 0.52
CA VAL C 243 -12.09 -24.15 -0.78
C VAL C 243 -10.87 -25.00 -1.14
N LEU C 244 -9.99 -25.25 -0.17
CA LEU C 244 -8.77 -26.06 -0.40
C LEU C 244 -9.21 -27.45 -0.83
N LEU C 245 -10.29 -27.99 -0.25
CA LEU C 245 -10.83 -29.31 -0.68
C LEU C 245 -11.36 -29.16 -2.10
N GLU C 246 -12.04 -28.05 -2.38
CA GLU C 246 -12.56 -27.76 -3.74
C GLU C 246 -11.39 -27.72 -4.72
N ILE C 247 -10.31 -27.04 -4.33
CA ILE C 247 -9.10 -26.86 -5.18
C ILE C 247 -8.47 -28.22 -5.42
N ILE C 248 -8.27 -29.00 -4.35
CA ILE C 248 -7.66 -30.36 -4.43
C ILE C 248 -8.53 -31.27 -5.30
N THR C 249 -9.84 -31.25 -5.08
CA THR C 249 -10.78 -32.28 -5.59
C THR C 249 -11.44 -31.83 -6.90
N GLY C 250 -11.46 -30.51 -7.17
CA GLY C 250 -12.26 -29.92 -8.24
C GLY C 250 -13.75 -30.08 -7.97
N LEU C 251 -14.09 -30.60 -6.80
CA LEU C 251 -15.50 -30.86 -6.41
C LEU C 251 -16.05 -29.59 -5.79
N PRO C 252 -17.28 -29.15 -6.13
CA PRO C 252 -17.91 -28.06 -5.40
C PRO C 252 -18.18 -28.49 -3.95
N ALA C 253 -18.12 -27.54 -3.01
CA ALA C 253 -18.38 -27.78 -1.56
C ALA C 253 -19.64 -28.64 -1.40
N VAL C 254 -20.66 -28.35 -2.19
CA VAL C 254 -21.96 -29.09 -2.16
C VAL C 254 -22.31 -29.50 -3.59
N ASP C 255 -22.69 -30.76 -3.75
CA ASP C 255 -23.35 -31.29 -4.95
C ASP C 255 -24.46 -32.22 -4.43
N GLU C 256 -25.73 -31.83 -4.57
CA GLU C 256 -26.87 -32.64 -4.05
C GLU C 256 -26.85 -34.02 -4.71
N HIS C 257 -26.39 -34.09 -5.97
CA HIS C 257 -26.37 -35.31 -6.82
C HIS C 257 -25.05 -36.06 -6.64
N ARG C 258 -24.33 -35.82 -5.55
CA ARG C 258 -23.05 -36.48 -5.20
C ARG C 258 -23.17 -37.11 -3.81
N GLU C 259 -22.41 -38.18 -3.56
CA GLU C 259 -22.17 -38.74 -2.21
C GLU C 259 -20.68 -38.75 -1.97
N PRO C 260 -20.16 -38.04 -0.94
CA PRO C 260 -20.97 -37.18 -0.06
C PRO C 260 -21.35 -35.85 -0.75
N GLN C 261 -22.54 -35.34 -0.41
CA GLN C 261 -23.08 -34.09 -0.99
C GLN C 261 -22.15 -32.95 -0.61
N LEU C 262 -21.72 -32.93 0.66
CA LEU C 262 -20.83 -31.90 1.21
C LEU C 262 -19.39 -32.38 1.03
N LEU C 263 -18.57 -31.55 0.39
CA LEU C 263 -17.16 -31.87 0.11
C LEU C 263 -16.43 -32.10 1.44
N LEU C 264 -16.75 -31.31 2.46
CA LEU C 264 -16.05 -31.36 3.78
C LEU C 264 -16.27 -32.72 4.45
N ASP C 265 -17.28 -33.48 4.03
CA ASP C 265 -17.47 -34.88 4.49
C ASP C 265 -16.29 -35.73 4.03
N ILE C 266 -15.74 -35.49 2.84
CA ILE C 266 -14.62 -36.30 2.28
C ILE C 266 -13.44 -36.23 3.26
N LYS C 267 -13.31 -35.13 3.99
CA LYS C 267 -12.30 -35.00 5.08
C LYS C 267 -12.54 -36.09 6.12
N GLU C 268 -13.80 -36.33 6.51
CA GLU C 268 -14.17 -37.40 7.48
C GLU C 268 -13.89 -38.76 6.84
N GLU C 269 -14.22 -38.92 5.55
CA GLU C 269 -14.00 -40.17 4.80
C GLU C 269 -12.50 -40.45 4.69
N ILE C 270 -11.68 -39.41 4.56
CA ILE C 270 -10.19 -39.54 4.44
C ILE C 270 -9.62 -39.83 5.84
N GLU C 271 -10.11 -39.14 6.88
CA GLU C 271 -9.66 -39.34 8.28
C GLU C 271 -10.03 -40.75 8.75
N ASP C 272 -11.20 -41.26 8.35
CA ASP C 272 -11.70 -42.62 8.68
C ASP C 272 -11.08 -43.65 7.74
N GLU C 273 -10.15 -43.22 6.86
CA GLU C 273 -9.36 -44.08 5.95
C GLU C 273 -10.28 -44.91 5.04
N GLU C 274 -11.57 -44.54 4.94
CA GLU C 274 -12.51 -45.11 3.95
C GLU C 274 -11.97 -44.81 2.55
N LYS C 275 -11.61 -43.53 2.35
CA LYS C 275 -11.03 -42.96 1.11
C LYS C 275 -9.70 -42.31 1.48
N THR C 276 -8.76 -42.15 0.54
CA THR C 276 -7.57 -41.26 0.73
C THR C 276 -7.76 -39.99 -0.10
N ILE C 277 -6.89 -39.00 0.05
CA ILE C 277 -7.04 -37.71 -0.68
C ILE C 277 -6.91 -37.96 -2.20
N GLU C 278 -6.03 -38.88 -2.60
CA GLU C 278 -5.80 -39.27 -4.02
C GLU C 278 -7.11 -39.76 -4.65
N ASP C 279 -8.02 -40.35 -3.87
CA ASP C 279 -9.34 -40.82 -4.37
C ASP C 279 -10.18 -39.60 -4.78
N TYR C 280 -10.03 -38.47 -4.08
CA TYR C 280 -10.86 -37.25 -4.27
C TYR C 280 -10.07 -36.20 -5.07
N ILE C 281 -8.73 -36.32 -5.10
CA ILE C 281 -7.83 -35.43 -5.90
C ILE C 281 -8.44 -35.22 -7.28
N ASP C 282 -8.52 -33.98 -7.73
CA ASP C 282 -9.11 -33.64 -9.05
C ASP C 282 -8.31 -34.40 -10.12
N LYS C 283 -9.00 -35.25 -10.88
CA LYS C 283 -8.42 -36.05 -11.97
C LYS C 283 -8.08 -35.10 -13.14
N LYS C 284 -8.74 -33.94 -13.19
CA LYS C 284 -8.56 -32.95 -14.29
C LYS C 284 -7.27 -32.16 -14.08
N MET C 285 -6.29 -32.73 -13.36
CA MET C 285 -4.91 -32.20 -13.26
C MET C 285 -3.96 -33.30 -13.68
N ASN C 286 -2.81 -32.91 -14.23
CA ASN C 286 -1.72 -33.83 -14.61
C ASN C 286 -0.49 -33.57 -13.73
N ASP C 287 -0.44 -32.42 -13.06
CA ASP C 287 0.77 -31.87 -12.39
C ASP C 287 0.60 -31.89 -10.86
N ALA C 288 -0.47 -32.53 -10.38
CA ALA C 288 -0.68 -32.74 -8.93
C ALA C 288 0.35 -33.77 -8.45
N ASP C 289 1.24 -33.37 -7.55
CA ASP C 289 2.13 -34.30 -6.81
C ASP C 289 1.45 -34.58 -5.46
N SER C 290 1.48 -35.84 -5.03
CA SER C 290 0.93 -36.33 -3.75
C SER C 290 1.37 -35.42 -2.60
N THR C 291 2.66 -35.08 -2.54
CA THR C 291 3.30 -34.34 -1.41
C THR C 291 2.56 -33.02 -1.18
N SER C 292 2.46 -32.17 -2.20
CA SER C 292 1.86 -30.80 -2.09
C SER C 292 0.35 -30.91 -1.97
N VAL C 293 -0.28 -31.90 -2.62
CA VAL C 293 -1.73 -32.17 -2.50
C VAL C 293 -2.03 -32.62 -1.08
N GLU C 294 -1.25 -33.57 -0.53
CA GLU C 294 -1.33 -33.97 0.89
C GLU C 294 -1.03 -32.74 1.76
N ALA C 295 -0.02 -31.96 1.39
CA ALA C 295 0.35 -30.72 2.11
C ALA C 295 -0.87 -29.80 2.13
N MET C 296 -1.51 -29.60 0.97
CA MET C 296 -2.70 -28.72 0.89
C MET C 296 -3.85 -29.37 1.64
N TYR C 297 -4.05 -30.67 1.46
CA TYR C 297 -5.14 -31.39 2.16
C TYR C 297 -4.92 -31.23 3.67
N SER C 298 -3.67 -31.34 4.11
CA SER C 298 -3.27 -31.16 5.53
C SER C 298 -3.72 -29.78 5.99
N VAL C 299 -3.52 -28.75 5.15
CA VAL C 299 -4.00 -27.37 5.44
C VAL C 299 -5.52 -27.40 5.45
N ALA C 300 -6.13 -27.95 4.40
CA ALA C 300 -7.59 -28.12 4.29
C ALA C 300 -8.10 -28.76 5.58
N SER C 301 -7.55 -29.92 5.95
CA SER C 301 -7.94 -30.70 7.15
C SER C 301 -7.88 -29.79 8.38
N GLN C 302 -6.74 -29.14 8.57
CA GLN C 302 -6.48 -28.28 9.76
C GLN C 302 -7.49 -27.13 9.78
N CYS C 303 -7.73 -26.51 8.63
CA CYS C 303 -8.74 -25.45 8.43
C CYS C 303 -10.14 -25.98 8.78
N LEU C 304 -10.38 -27.26 8.49
CA LEU C 304 -11.70 -27.91 8.63
C LEU C 304 -11.83 -28.59 9.99
N HIS C 305 -10.91 -28.33 10.91
CA HIS C 305 -11.10 -28.70 12.34
C HIS C 305 -12.44 -28.13 12.79
N GLU C 306 -13.36 -28.99 13.23
CA GLU C 306 -14.73 -28.59 13.61
C GLU C 306 -14.65 -27.72 14.87
N LYS C 307 -13.55 -27.83 15.63
CA LYS C 307 -13.22 -26.98 16.79
C LYS C 307 -12.48 -25.72 16.30
N LYS C 308 -13.18 -24.58 16.25
CA LYS C 308 -12.68 -23.30 15.66
C LYS C 308 -11.28 -22.95 16.18
N ASN C 309 -11.00 -23.24 17.46
CA ASN C 309 -9.76 -22.81 18.16
C ASN C 309 -8.58 -23.68 17.77
N LYS C 310 -8.85 -24.91 17.30
CA LYS C 310 -7.80 -25.89 16.91
C LYS C 310 -7.42 -25.66 15.43
N ARG C 311 -8.18 -24.82 14.72
CA ARG C 311 -7.85 -24.43 13.32
C ARG C 311 -6.64 -23.51 13.30
N PRO C 312 -5.85 -23.56 12.21
CA PRO C 312 -4.77 -22.61 12.02
C PRO C 312 -5.44 -21.24 11.82
N ASP C 313 -4.84 -20.18 12.35
CA ASP C 313 -5.21 -18.81 11.90
C ASP C 313 -4.77 -18.72 10.45
N ILE C 314 -5.27 -17.73 9.71
CA ILE C 314 -4.96 -17.58 8.27
C ILE C 314 -3.44 -17.48 8.09
N LYS C 315 -2.72 -16.85 9.02
CA LYS C 315 -1.24 -16.70 8.94
C LYS C 315 -0.60 -18.09 8.85
N LYS C 316 -0.99 -19.02 9.72
CA LYS C 316 -0.51 -20.42 9.70
C LYS C 316 -0.90 -21.05 8.36
N VAL C 317 -2.14 -20.87 7.93
CA VAL C 317 -2.65 -21.37 6.61
C VAL C 317 -1.73 -20.85 5.51
N GLN C 318 -1.44 -19.56 5.51
CA GLN C 318 -0.50 -18.89 4.56
C GLN C 318 0.82 -19.65 4.61
N GLN C 319 1.43 -19.73 5.79
CA GLN C 319 2.76 -20.35 6.02
C GLN C 319 2.73 -21.78 5.49
N LEU C 320 1.64 -22.52 5.74
CA LEU C 320 1.53 -23.95 5.38
C LEU C 320 1.37 -24.07 3.85
N LEU C 321 0.71 -23.11 3.23
CA LEU C 321 0.46 -23.08 1.77
C LEU C 321 1.72 -22.59 1.06
N GLN C 322 2.48 -21.68 1.69
CA GLN C 322 3.83 -21.29 1.19
C GLN C 322 4.76 -22.49 1.34
N GLU C 323 4.86 -23.07 2.53
CA GLU C 323 5.68 -24.28 2.83
C GLU C 323 5.36 -25.38 1.80
N MET C 324 4.09 -25.51 1.42
CA MET C 324 3.57 -26.56 0.51
C MET C 324 4.24 -26.46 -0.87
N THR C 325 4.54 -25.25 -1.37
CA THR C 325 5.25 -25.03 -2.65
C THR C 325 6.74 -24.77 -2.36
N ALA C 326 7.38 -25.69 -1.62
CA ALA C 326 8.83 -25.69 -1.29
C ALA C 326 9.27 -24.31 -0.82
N ARG D 31 -8.98 5.09 -6.14
CA ARG D 31 -8.14 6.34 -6.33
C ARG D 31 -8.34 7.23 -5.10
N PHE D 32 -8.75 8.50 -5.29
CA PHE D 32 -9.01 9.50 -4.23
C PHE D 32 -10.50 9.85 -4.22
N HIS D 33 -10.96 10.50 -3.14
CA HIS D 33 -12.34 11.04 -3.05
C HIS D 33 -12.45 12.25 -3.97
N SER D 34 -13.46 12.29 -4.82
CA SER D 34 -13.82 13.48 -5.63
C SER D 34 -14.72 14.38 -4.79
N PHE D 35 -14.17 15.50 -4.31
CA PHE D 35 -14.87 16.55 -3.53
C PHE D 35 -15.55 17.52 -4.48
N SER D 36 -16.75 17.98 -4.11
CA SER D 36 -17.34 19.19 -4.73
C SER D 36 -16.48 20.37 -4.30
N PHE D 37 -16.29 21.36 -5.16
CA PHE D 37 -15.56 22.61 -4.81
C PHE D 37 -16.25 23.23 -3.60
N TYR D 38 -17.58 23.12 -3.55
CA TYR D 38 -18.44 23.76 -2.52
C TYR D 38 -18.11 23.14 -1.16
N GLU D 39 -17.98 21.81 -1.11
CA GLU D 39 -17.58 21.09 0.13
C GLU D 39 -16.29 21.74 0.64
N LEU D 40 -15.27 21.82 -0.22
CA LEU D 40 -13.95 22.39 0.10
C LEU D 40 -14.09 23.90 0.38
N LYS D 41 -14.96 24.59 -0.33
CA LYS D 41 -15.32 26.00 -0.03
C LYS D 41 -15.81 26.04 1.42
N ASN D 42 -16.68 25.09 1.76
CA ASN D 42 -17.35 25.02 3.08
C ASN D 42 -16.34 24.67 4.17
N VAL D 43 -15.47 23.68 3.93
CA VAL D 43 -14.53 23.14 4.96
C VAL D 43 -13.40 24.17 5.17
N THR D 44 -13.08 24.96 4.14
CA THR D 44 -12.01 25.98 4.19
C THR D 44 -12.59 27.36 4.57
N ASN D 45 -13.87 27.40 4.96
CA ASN D 45 -14.58 28.64 5.37
C ASN D 45 -14.53 29.62 4.20
N ASN D 46 -15.02 29.19 3.03
CA ASN D 46 -14.93 29.92 1.74
C ASN D 46 -13.46 30.27 1.49
N PHE D 47 -12.57 29.27 1.52
CA PHE D 47 -11.12 29.44 1.26
C PHE D 47 -10.68 30.76 1.88
N ASP D 48 -10.95 30.89 3.19
CA ASP D 48 -10.65 32.10 4.00
C ASP D 48 -9.16 32.43 3.81
N GLU D 49 -8.88 33.55 3.13
CA GLU D 49 -7.50 33.96 2.73
C GLU D 49 -6.70 34.38 3.96
N ARG D 50 -7.36 34.67 5.08
CA ARG D 50 -6.67 35.11 6.33
C ARG D 50 -5.82 33.95 6.84
N PRO D 51 -4.60 34.23 7.37
CA PRO D 51 -3.77 33.20 7.97
C PRO D 51 -4.50 32.38 9.06
N ILE D 52 -4.09 31.13 9.25
CA ILE D 52 -4.56 30.27 10.38
C ILE D 52 -4.21 30.96 11.71
N SER D 53 -3.06 31.64 11.76
CA SER D 53 -2.52 32.34 12.95
C SER D 53 -3.49 33.41 13.47
N VAL D 54 -4.39 33.92 12.62
CA VAL D 54 -5.39 34.98 13.02
C VAL D 54 -6.82 34.43 12.88
N GLY D 55 -6.99 33.11 12.92
CA GLY D 55 -8.31 32.44 12.92
C GLY D 55 -8.73 31.97 11.53
N GLY D 56 -7.99 32.35 10.49
CA GLY D 56 -8.33 32.05 9.09
C GLY D 56 -8.00 30.61 8.70
N ASN D 57 -7.98 30.33 7.40
CA ASN D 57 -7.81 28.97 6.84
C ASN D 57 -6.57 28.89 5.94
N LYS D 58 -6.05 30.03 5.44
CA LYS D 58 -4.81 30.02 4.63
C LYS D 58 -3.67 29.55 5.54
N MET D 59 -2.96 28.52 5.11
CA MET D 59 -1.80 27.96 5.87
C MET D 59 -0.52 28.29 5.12
N GLY D 60 -0.56 28.11 3.80
CA GLY D 60 0.61 28.21 2.91
C GLY D 60 0.21 28.85 1.59
N GLU D 61 1.08 29.72 1.07
CA GLU D 61 0.84 30.61 -0.08
C GLU D 61 1.93 30.24 -1.09
N GLY D 62 1.57 29.57 -2.20
CA GLY D 62 2.50 29.32 -3.34
C GLY D 62 1.88 29.90 -4.62
N GLY D 63 2.73 30.18 -5.61
CA GLY D 63 2.33 30.77 -6.90
C GLY D 63 1.36 29.81 -7.61
N PHE D 64 1.52 28.49 -7.43
CA PHE D 64 0.76 27.46 -8.17
C PHE D 64 -0.62 27.25 -7.51
N GLY D 65 -0.66 27.33 -6.19
CA GLY D 65 -1.91 27.24 -5.41
C GLY D 65 -1.72 27.76 -4.00
N VAL D 66 -2.81 28.22 -3.38
CA VAL D 66 -2.85 28.55 -1.92
C VAL D 66 -3.43 27.33 -1.22
N VAL D 67 -2.89 26.98 -0.05
CA VAL D 67 -3.32 25.80 0.75
C VAL D 67 -4.11 26.31 1.95
N TYR D 68 -5.29 25.72 2.17
CA TYR D 68 -6.25 26.12 3.22
C TYR D 68 -6.48 24.97 4.19
N LYS D 69 -6.47 25.27 5.49
CA LYS D 69 -6.93 24.31 6.54
C LYS D 69 -8.42 24.12 6.29
N GLY D 70 -8.86 22.87 6.38
CA GLY D 70 -10.26 22.48 6.21
C GLY D 70 -10.57 21.25 7.04
N TYR D 71 -11.83 21.04 7.35
CA TYR D 71 -12.32 19.91 8.17
C TYR D 71 -13.30 19.11 7.31
N VAL D 72 -12.87 17.98 6.78
CA VAL D 72 -13.68 17.01 6.01
C VAL D 72 -14.01 15.85 6.97
N ASN D 73 -15.29 15.53 7.13
CA ASN D 73 -15.81 14.74 8.29
C ASN D 73 -15.14 15.34 9.53
N ASN D 74 -14.37 14.55 10.29
CA ASN D 74 -13.70 15.03 11.53
C ASN D 74 -12.22 15.31 11.25
N THR D 75 -11.74 15.04 10.03
CA THR D 75 -10.31 15.06 9.67
C THR D 75 -9.93 16.46 9.20
N THR D 76 -8.97 17.11 9.86
CA THR D 76 -8.32 18.33 9.33
C THR D 76 -7.65 17.95 8.01
N VAL D 77 -7.90 18.74 6.97
CA VAL D 77 -7.32 18.54 5.62
C VAL D 77 -6.60 19.82 5.21
N ALA D 78 -5.57 19.66 4.38
CA ALA D 78 -4.95 20.74 3.61
C ALA D 78 -5.65 20.78 2.26
N VAL D 79 -6.34 21.88 1.97
CA VAL D 79 -7.00 22.07 0.66
C VAL D 79 -6.12 23.04 -0.13
N LYS D 80 -5.39 22.52 -1.11
CA LYS D 80 -4.61 23.32 -2.08
C LYS D 80 -5.57 23.77 -3.17
N LYS D 81 -6.03 25.02 -3.10
CA LYS D 81 -6.83 25.67 -4.16
C LYS D 81 -5.83 26.23 -5.17
N LEU D 82 -5.85 25.73 -6.41
CA LEU D 82 -4.93 26.17 -7.50
C LEU D 82 -5.46 27.47 -8.13
N ALA D 83 -4.66 28.53 -8.07
CA ALA D 83 -4.96 29.91 -8.53
C ALA D 83 -3.82 30.40 -9.41
N ALA D 84 -4.10 31.38 -10.29
CA ALA D 84 -3.15 32.01 -11.24
C ALA D 84 -1.86 32.42 -10.52
N MET D 85 -1.99 33.15 -9.40
CA MET D 85 -0.90 33.58 -8.49
C MET D 85 0.20 34.33 -9.25
N VAL D 86 1.40 33.74 -9.42
CA VAL D 86 2.57 34.40 -10.06
C VAL D 86 2.93 33.77 -11.42
N ASP D 87 2.39 34.34 -12.51
CA ASP D 87 2.74 34.08 -13.92
C ASP D 87 2.65 32.59 -14.27
N ILE D 88 1.57 31.94 -13.84
CA ILE D 88 1.29 30.49 -14.03
C ILE D 88 0.09 30.29 -14.95
N THR D 89 0.30 29.55 -16.05
CA THR D 89 -0.70 29.29 -17.12
C THR D 89 -1.72 28.26 -16.61
N THR D 90 -2.98 28.38 -17.01
CA THR D 90 -4.09 27.52 -16.53
C THR D 90 -3.78 26.07 -16.91
N GLU D 91 -3.38 25.85 -18.16
CA GLU D 91 -3.04 24.50 -18.70
C GLU D 91 -1.91 23.87 -17.87
N GLU D 92 -0.83 24.63 -17.61
CA GLU D 92 0.34 24.17 -16.82
C GLU D 92 -0.13 23.84 -15.40
N LEU D 93 -1.01 24.66 -14.83
CA LEU D 93 -1.57 24.49 -13.47
C LEU D 93 -2.43 23.23 -13.42
N LYS D 94 -3.25 23.00 -14.46
CA LYS D 94 -4.11 21.79 -14.61
C LYS D 94 -3.20 20.56 -14.75
N GLN D 95 -2.12 20.69 -15.52
CA GLN D 95 -1.12 19.60 -15.72
C GLN D 95 -0.46 19.27 -14.37
N GLN D 96 -0.17 20.30 -13.57
CA GLN D 96 0.48 20.17 -12.23
C GLN D 96 -0.52 19.57 -11.23
N PHE D 97 -1.81 19.90 -11.37
CA PHE D 97 -2.94 19.26 -10.65
C PHE D 97 -2.96 17.78 -11.03
N ASP D 98 -3.08 17.52 -12.34
CA ASP D 98 -3.14 16.16 -12.94
C ASP D 98 -1.91 15.37 -12.49
N GLN D 99 -0.74 16.01 -12.46
CA GLN D 99 0.56 15.40 -12.09
C GLN D 99 0.54 15.10 -10.58
N GLU D 100 0.19 16.10 -9.76
CA GLU D 100 0.03 15.91 -8.30
C GLU D 100 -0.81 14.65 -8.07
N ILE D 101 -1.99 14.58 -8.68
CA ILE D 101 -2.92 13.42 -8.50
C ILE D 101 -2.27 12.16 -9.08
N LYS D 102 -1.73 12.23 -10.30
CA LYS D 102 -1.05 11.10 -10.98
C LYS D 102 0.05 10.56 -10.06
N VAL D 103 0.90 11.43 -9.53
CA VAL D 103 2.04 11.05 -8.65
C VAL D 103 1.48 10.47 -7.35
N MET D 104 0.56 11.20 -6.73
CA MET D 104 -0.05 10.86 -5.42
CA MET D 104 -0.04 10.85 -5.41
C MET D 104 -0.80 9.52 -5.50
N ALA D 105 -1.30 9.17 -6.70
CA ALA D 105 -1.99 7.89 -6.98
C ALA D 105 -0.95 6.77 -6.88
N LYS D 106 0.11 6.89 -7.69
CA LYS D 106 1.24 5.92 -7.72
C LYS D 106 1.96 5.91 -6.38
N CYS D 107 2.11 7.08 -5.75
CA CYS D 107 3.04 7.32 -4.62
C CYS D 107 2.30 7.56 -3.30
N GLN D 108 1.94 6.47 -2.62
CA GLN D 108 1.52 6.46 -1.20
C GLN D 108 2.71 5.98 -0.39
N HIS D 109 3.15 6.79 0.57
CA HIS D 109 4.32 6.51 1.43
C HIS D 109 4.24 7.40 2.66
N GLU D 110 4.65 6.87 3.82
CA GLU D 110 4.54 7.57 5.12
C GLU D 110 5.31 8.89 5.09
N ASN D 111 6.22 9.08 4.13
CA ASN D 111 7.05 10.32 4.04
C ASN D 111 6.70 11.12 2.79
N LEU D 112 5.58 10.79 2.15
CA LEU D 112 4.93 11.64 1.13
C LEU D 112 3.63 12.14 1.72
N VAL D 113 3.27 13.39 1.48
CA VAL D 113 1.96 13.92 1.91
C VAL D 113 0.92 13.01 1.26
N GLU D 114 -0.27 12.96 1.84
CA GLU D 114 -1.34 12.05 1.37
C GLU D 114 -2.42 12.93 0.75
N LEU D 115 -2.61 12.78 -0.56
CA LEU D 115 -3.80 13.31 -1.26
C LEU D 115 -4.97 12.46 -0.81
N LEU D 116 -5.99 13.11 -0.26
CA LEU D 116 -7.29 12.48 0.09
C LEU D 116 -8.18 12.54 -1.14
N GLY D 117 -8.08 13.64 -1.86
CA GLY D 117 -8.81 13.83 -3.13
C GLY D 117 -8.64 15.24 -3.63
N PHE D 118 -9.60 15.67 -4.43
CA PHE D 118 -9.48 16.89 -5.26
C PHE D 118 -10.90 17.36 -5.59
N SER D 119 -11.00 18.63 -5.98
CA SER D 119 -12.21 19.22 -6.61
C SER D 119 -11.81 19.77 -7.98
N SER D 120 -12.51 19.31 -9.03
CA SER D 120 -12.42 19.84 -10.41
C SER D 120 -13.77 20.42 -10.85
N ASP D 121 -14.79 20.38 -9.97
CA ASP D 121 -16.21 20.73 -10.24
C ASP D 121 -16.56 22.11 -9.68
N GLY D 122 -15.56 22.99 -9.52
CA GLY D 122 -15.72 24.38 -9.06
C GLY D 122 -14.72 25.30 -9.73
N ASP D 123 -14.87 26.60 -9.51
CA ASP D 123 -14.09 27.68 -10.18
C ASP D 123 -12.62 27.27 -10.26
N ASP D 124 -11.97 27.08 -9.10
CA ASP D 124 -10.53 26.70 -8.98
C ASP D 124 -10.42 25.18 -8.83
N LEU D 125 -9.32 24.60 -9.33
CA LEU D 125 -8.92 23.21 -9.05
C LEU D 125 -8.42 23.11 -7.60
N CYS D 126 -8.79 22.05 -6.89
CA CYS D 126 -8.42 21.86 -5.47
C CYS D 126 -7.81 20.48 -5.25
N LEU D 127 -6.75 20.41 -4.45
CA LEU D 127 -6.16 19.14 -3.98
C LEU D 127 -6.35 19.09 -2.47
N VAL D 128 -6.98 18.03 -2.00
CA VAL D 128 -7.25 17.81 -0.56
C VAL D 128 -6.22 16.81 -0.07
N TYR D 129 -5.51 17.17 0.98
CA TYR D 129 -4.49 16.29 1.58
C TYR D 129 -4.84 16.06 3.04
N VAL D 130 -4.37 14.93 3.57
CA VAL D 130 -4.24 14.77 5.04
C VAL D 130 -3.46 15.99 5.50
N TYR D 131 -4.08 16.79 6.35
CA TYR D 131 -3.46 17.95 7.01
C TYR D 131 -2.11 17.53 7.58
N MET D 132 -1.16 18.45 7.57
CA MET D 132 0.16 18.29 8.23
C MET D 132 0.22 19.31 9.35
N PRO D 133 -0.14 18.90 10.59
CA PRO D 133 -0.29 19.82 11.72
C PRO D 133 0.91 20.76 11.87
N ASN D 134 2.10 20.27 11.53
CA ASN D 134 3.37 20.94 11.86
C ASN D 134 3.87 21.67 10.61
N GLY D 135 3.03 21.72 9.57
CA GLY D 135 3.28 22.47 8.33
C GLY D 135 4.62 22.09 7.72
N SER D 136 5.28 23.07 7.13
CA SER D 136 6.53 22.87 6.36
C SER D 136 7.69 22.81 7.32
N LEU D 137 8.66 21.96 7.01
CA LEU D 137 10.01 22.00 7.62
C LEU D 137 10.53 23.43 7.57
N LEU D 138 10.34 24.13 6.44
CA LEU D 138 10.78 25.53 6.27
C LEU D 138 10.24 26.34 7.44
N ASP D 139 8.92 26.33 7.60
CA ASP D 139 8.18 27.13 8.60
C ASP D 139 8.65 26.71 10.00
N ARG D 140 8.84 25.42 10.22
CA ARG D 140 9.30 24.87 11.52
C ARG D 140 10.77 25.20 11.75
N LEU D 141 11.61 25.14 10.71
CA LEU D 141 13.03 25.50 10.82
C LEU D 141 13.15 26.99 11.14
N SER D 142 12.24 27.81 10.64
CA SER D 142 12.23 29.28 10.85
C SER D 142 11.44 29.61 12.13
N CYS D 143 10.86 28.58 12.77
CA CYS D 143 9.95 28.72 13.94
C CYS D 143 8.84 29.72 13.64
N LEU D 144 8.38 29.75 12.38
CA LEU D 144 7.27 30.62 11.92
C LEU D 144 6.09 30.44 12.88
N ASP D 145 5.44 31.55 13.24
CA ASP D 145 4.22 31.59 14.10
C ASP D 145 4.57 31.10 15.51
N GLY D 146 5.86 31.12 15.86
CA GLY D 146 6.34 30.92 17.22
C GLY D 146 6.34 29.47 17.63
N THR D 147 6.24 28.55 16.68
CA THR D 147 6.42 27.10 16.94
C THR D 147 7.80 26.94 17.54
N PRO D 148 8.01 25.97 18.44
CA PRO D 148 9.31 25.80 19.08
C PRO D 148 10.32 25.25 18.07
N PRO D 149 11.61 25.66 18.16
CA PRO D 149 12.62 25.12 17.26
C PRO D 149 12.57 23.59 17.25
N LEU D 150 12.80 23.01 16.08
CA LEU D 150 12.94 21.54 15.94
C LEU D 150 14.18 21.12 16.72
N SER D 151 14.06 20.14 17.60
CA SER D 151 15.22 19.46 18.24
C SER D 151 16.07 18.90 17.10
N TRP D 152 17.37 18.79 17.31
CA TRP D 152 18.25 18.01 16.42
C TRP D 152 17.63 16.63 16.21
N HIS D 153 17.18 16.00 17.29
CA HIS D 153 16.54 14.67 17.26
C HIS D 153 15.43 14.68 16.21
N MET D 154 14.53 15.68 16.26
CA MET D 154 13.37 15.75 15.34
C MET D 154 13.87 16.01 13.93
N ARG D 155 14.93 16.81 13.81
CA ARG D 155 15.55 17.19 12.52
C ARG D 155 16.14 15.95 11.85
N CYS D 156 16.75 15.07 12.62
CA CYS D 156 17.33 13.79 12.13
C CYS D 156 16.20 12.91 11.62
N LYS D 157 15.12 12.80 12.41
CA LYS D 157 13.90 12.06 12.00
C LYS D 157 13.38 12.68 10.70
N ILE D 158 13.35 14.01 10.63
CA ILE D 158 12.79 14.76 9.47
C ILE D 158 13.65 14.51 8.24
N ALA D 159 14.96 14.70 8.40
CA ALA D 159 15.98 14.39 7.37
C ALA D 159 15.75 12.96 6.89
N GLN D 160 15.77 12.01 7.82
CA GLN D 160 15.58 10.56 7.55
C GLN D 160 14.29 10.39 6.77
N GLY D 161 13.20 10.89 7.32
CA GLY D 161 11.85 10.77 6.74
C GLY D 161 11.81 11.36 5.36
N ALA D 162 12.29 12.60 5.21
CA ALA D 162 12.32 13.32 3.93
C ALA D 162 13.08 12.47 2.92
N ALA D 163 14.25 11.95 3.31
CA ALA D 163 15.10 11.07 2.47
C ALA D 163 14.33 9.80 2.14
N ASN D 164 13.59 9.25 3.10
CA ASN D 164 12.75 8.04 2.89
C ASN D 164 11.66 8.38 1.88
N GLY D 165 11.10 9.59 1.98
CA GLY D 165 10.10 10.10 1.02
C GLY D 165 10.70 10.20 -0.36
N ILE D 166 11.85 10.86 -0.47
CA ILE D 166 12.59 11.06 -1.73
C ILE D 166 12.99 9.68 -2.27
N ASN D 167 13.46 8.79 -1.40
CA ASN D 167 13.87 7.42 -1.82
C ASN D 167 12.67 6.72 -2.46
N PHE D 168 11.51 6.84 -1.82
CA PHE D 168 10.27 6.21 -2.32
C PHE D 168 9.89 6.81 -3.68
N LEU D 169 10.00 8.14 -3.82
CA LEU D 169 9.70 8.84 -5.09
C LEU D 169 10.66 8.32 -6.17
N HIS D 170 11.94 8.17 -5.82
CA HIS D 170 13.01 7.72 -6.75
C HIS D 170 12.86 6.22 -7.02
N GLU D 171 12.57 5.43 -5.99
CA GLU D 171 12.23 3.98 -6.17
C GLU D 171 11.14 3.89 -7.23
N ASN D 172 10.17 4.80 -7.17
CA ASN D 172 8.99 4.82 -8.07
C ASN D 172 9.28 5.71 -9.30
N HIS D 173 10.55 5.99 -9.56
CA HIS D 173 11.02 6.70 -10.79
C HIS D 173 10.23 8.00 -10.94
N HIS D 174 10.04 8.70 -9.82
CA HIS D 174 9.54 10.10 -9.79
C HIS D 174 10.68 11.00 -9.33
N ILE D 175 10.97 12.02 -10.13
CA ILE D 175 11.89 13.13 -9.74
C ILE D 175 10.96 14.23 -9.23
N HIS D 176 11.11 14.58 -7.95
CA HIS D 176 10.25 15.60 -7.29
C HIS D 176 10.45 16.94 -7.99
N ARG D 177 11.71 17.36 -8.14
CA ARG D 177 12.17 18.54 -8.91
C ARG D 177 11.95 19.83 -8.11
N ASP D 178 11.46 19.71 -6.88
CA ASP D 178 11.28 20.87 -5.97
C ASP D 178 11.36 20.37 -4.53
N ILE D 179 12.32 19.48 -4.26
CA ILE D 179 12.69 19.10 -2.87
C ILE D 179 13.19 20.38 -2.23
N LYS D 180 12.42 20.91 -1.28
CA LYS D 180 12.82 22.05 -0.42
C LYS D 180 12.04 21.96 0.88
N SER D 181 12.55 22.59 1.93
CA SER D 181 11.97 22.58 3.28
C SER D 181 10.49 22.94 3.21
N ALA D 182 10.11 23.85 2.29
CA ALA D 182 8.73 24.34 2.10
C ALA D 182 7.82 23.17 1.69
N ASN D 183 8.40 22.18 1.00
CA ASN D 183 7.70 21.03 0.38
C ASN D 183 7.94 19.75 1.18
N ILE D 184 8.73 19.83 2.25
CA ILE D 184 8.82 18.76 3.28
C ILE D 184 7.91 19.16 4.43
N LEU D 185 6.70 18.60 4.46
CA LEU D 185 5.69 18.96 5.48
C LEU D 185 5.85 18.02 6.67
N LEU D 186 5.29 18.42 7.81
CA LEU D 186 5.53 17.74 9.10
C LEU D 186 4.18 17.38 9.69
N ASP D 187 3.95 16.07 9.87
CA ASP D 187 2.67 15.53 10.37
C ASP D 187 2.64 15.74 11.88
N GLU D 188 1.57 15.27 12.52
CA GLU D 188 1.39 15.26 13.99
C GLU D 188 2.70 14.80 14.67
N ALA D 189 3.46 13.87 14.09
CA ALA D 189 4.67 13.26 14.68
C ALA D 189 5.96 13.93 14.20
N PHE D 190 5.86 15.04 13.47
CA PHE D 190 7.01 15.66 12.76
C PHE D 190 7.68 14.63 11.86
N THR D 191 6.87 13.71 11.33
CA THR D 191 7.24 12.86 10.19
C THR D 191 7.39 13.78 9.00
N ALA D 192 8.55 13.76 8.36
CA ALA D 192 8.78 14.47 7.08
C ALA D 192 7.83 13.88 6.05
N LYS D 193 6.98 14.72 5.48
CA LYS D 193 6.12 14.37 4.32
C LYS D 193 6.58 15.23 3.15
N ILE D 194 7.19 14.63 2.14
CA ILE D 194 7.48 15.35 0.87
C ILE D 194 6.13 15.73 0.28
N SER D 195 5.94 16.99 -0.07
CA SER D 195 4.71 17.50 -0.70
C SER D 195 5.04 18.11 -2.05
N ASP D 196 3.99 18.47 -2.80
CA ASP D 196 4.05 19.23 -4.07
C ASP D 196 4.76 18.38 -5.12
N PHE D 197 3.99 17.54 -5.80
CA PHE D 197 4.43 16.66 -6.91
C PHE D 197 3.88 17.22 -8.23
N GLY D 198 3.43 18.47 -8.24
CA GLY D 198 2.90 19.15 -9.44
C GLY D 198 3.93 19.17 -10.53
N LEU D 199 5.19 19.44 -10.17
CA LEU D 199 6.37 19.51 -11.06
C LEU D 199 7.11 18.18 -11.07
N ALA D 200 6.57 17.15 -10.40
CA ALA D 200 7.22 15.80 -10.35
C ALA D 200 7.31 15.27 -11.78
N ARG D 201 8.28 14.39 -12.03
CA ARG D 201 8.56 13.81 -13.35
C ARG D 201 8.82 12.31 -13.23
N ALA D 202 8.27 11.51 -14.15
CA ALA D 202 8.56 10.07 -14.33
C ALA D 202 9.97 9.90 -14.90
N SER D 203 10.50 8.67 -14.88
CA SER D 203 11.85 8.30 -15.39
C SER D 203 11.82 6.85 -15.91
N TPO D 209 20.44 11.87 -18.87
CA TPO D 209 19.00 11.98 -18.49
CB TPO D 209 18.81 12.25 -16.98
CG2 TPO D 209 18.32 11.01 -16.25
OG1 TPO D 209 20.09 12.70 -16.39
P TPO D 209 21.19 11.73 -15.66
O1P TPO D 209 20.53 11.16 -14.41
O2P TPO D 209 21.55 10.68 -16.68
O3P TPO D 209 22.35 12.61 -15.33
C TPO D 209 18.31 13.05 -19.33
O TPO D 209 18.97 13.73 -20.11
N VAL D 210 17.00 13.17 -19.13
CA VAL D 210 16.12 14.06 -19.87
C VAL D 210 16.50 15.52 -19.60
N MET D 211 16.17 16.41 -20.54
CA MET D 211 16.31 17.89 -20.42
C MET D 211 14.92 18.52 -20.58
N TPO D 212 14.79 19.76 -20.11
CA TPO D 212 13.53 20.46 -20.17
CB TPO D 212 12.75 20.31 -18.86
CG2 TPO D 212 13.38 21.01 -17.67
OG1 TPO D 212 11.41 20.90 -19.05
P TPO D 212 10.25 20.12 -19.83
O1P TPO D 212 8.95 20.56 -19.15
O2P TPO D 212 10.55 18.64 -19.65
O3P TPO D 212 10.33 20.60 -21.27
C TPO D 212 13.79 21.91 -20.54
O TPO D 212 14.83 22.48 -20.19
N SEP D 213 12.86 22.50 -21.30
CA SEP D 213 12.91 23.92 -21.64
CB SEP D 213 12.23 24.15 -22.98
OG SEP D 213 11.60 22.91 -23.44
C SEP D 213 12.28 24.71 -20.51
O SEP D 213 12.72 25.82 -20.22
P SEP D 213 10.31 23.01 -24.38
O1P SEP D 213 9.26 23.71 -23.53
O2P SEP D 213 10.78 23.81 -25.57
O3P SEP D 213 9.96 21.57 -24.71
N ARG D 214 11.23 24.16 -19.92
CA ARG D 214 10.57 24.73 -18.76
C ARG D 214 11.33 24.29 -17.50
N ILE D 215 12.41 25.02 -17.19
CA ILE D 215 13.22 24.82 -15.96
C ILE D 215 12.35 25.26 -14.78
N VAL D 216 12.12 24.34 -13.84
CA VAL D 216 11.27 24.58 -12.64
C VAL D 216 12.01 24.06 -11.41
N GLY D 217 11.51 24.44 -10.24
CA GLY D 217 12.17 24.17 -8.96
C GLY D 217 12.46 25.47 -8.25
N THR D 218 13.08 25.38 -7.08
CA THR D 218 13.42 26.56 -6.26
C THR D 218 14.93 26.74 -6.36
N THR D 219 15.32 27.83 -7.02
CA THR D 219 16.70 28.19 -7.38
C THR D 219 17.66 27.75 -6.29
N ALA D 220 17.37 28.18 -5.06
CA ALA D 220 18.24 28.07 -3.86
C ALA D 220 18.42 26.60 -3.47
N TYR D 221 17.60 25.71 -3.98
CA TYR D 221 17.65 24.26 -3.71
C TYR D 221 18.11 23.49 -4.95
N MET D 222 18.08 24.13 -6.12
CA MET D 222 18.27 23.40 -7.38
C MET D 222 19.74 23.14 -7.62
N ALA D 223 20.03 21.90 -8.03
CA ALA D 223 21.33 21.45 -8.54
C ALA D 223 21.67 22.28 -9.77
N PRO D 224 22.97 22.47 -10.08
CA PRO D 224 23.38 23.19 -11.28
C PRO D 224 22.67 22.62 -12.52
N GLU D 225 22.58 21.29 -12.63
CA GLU D 225 22.01 20.62 -13.82
C GLU D 225 20.50 20.87 -13.88
N ALA D 226 19.82 20.94 -12.73
CA ALA D 226 18.38 21.24 -12.64
C ALA D 226 18.15 22.68 -13.14
N LEU D 227 19.06 23.58 -12.78
CA LEU D 227 18.98 25.01 -13.16
C LEU D 227 19.25 25.17 -14.66
N ARG D 228 19.91 24.20 -15.27
CA ARG D 228 20.20 24.17 -16.72
C ARG D 228 19.13 23.37 -17.46
N GLY D 229 18.18 22.79 -16.72
CA GLY D 229 17.01 22.12 -17.31
C GLY D 229 17.17 20.62 -17.39
N GLU D 230 18.28 20.07 -16.88
CA GLU D 230 18.39 18.61 -16.71
C GLU D 230 17.32 18.20 -15.69
N ILE D 231 16.61 17.13 -16.01
CA ILE D 231 15.64 16.46 -15.11
C ILE D 231 16.24 15.10 -14.74
N THR D 232 16.73 14.98 -13.52
CA THR D 232 17.38 13.76 -12.98
C THR D 232 17.06 13.67 -11.50
N PRO D 233 16.85 12.45 -10.95
CA PRO D 233 16.67 12.29 -9.50
C PRO D 233 17.83 12.95 -8.75
N LYS D 234 19.02 12.92 -9.36
CA LYS D 234 20.27 13.47 -8.76
C LYS D 234 20.03 14.91 -8.32
N SER D 235 19.20 15.68 -9.03
CA SER D 235 18.82 17.08 -8.70
C SER D 235 18.09 17.13 -7.35
N ASP D 236 17.21 16.16 -7.08
CA ASP D 236 16.43 16.05 -5.83
C ASP D 236 17.40 15.82 -4.67
N ILE D 237 18.41 14.98 -4.90
CA ILE D 237 19.47 14.67 -3.91
C ILE D 237 20.11 16.01 -3.55
N TYR D 238 20.49 16.77 -4.57
CA TYR D 238 21.14 18.09 -4.38
C TYR D 238 20.22 18.95 -3.53
N SER D 239 18.98 19.08 -3.98
CA SER D 239 17.92 19.89 -3.33
C SER D 239 17.74 19.41 -1.89
N PHE D 240 17.79 18.10 -1.68
CA PHE D 240 17.72 17.49 -0.34
C PHE D 240 18.94 17.92 0.47
N GLY D 241 20.12 17.93 -0.14
CA GLY D 241 21.36 18.46 0.46
C GLY D 241 21.13 19.85 1.02
N VAL D 242 20.51 20.72 0.23
CA VAL D 242 20.18 22.11 0.68
C VAL D 242 19.24 21.99 1.89
N VAL D 243 18.27 21.06 1.84
CA VAL D 243 17.29 20.83 2.94
C VAL D 243 18.08 20.39 4.17
N LEU D 244 19.03 19.48 3.99
CA LEU D 244 19.87 18.98 5.11
C LEU D 244 20.64 20.16 5.69
N LEU D 245 21.11 21.08 4.84
CA LEU D 245 21.80 22.30 5.32
C LEU D 245 20.78 23.16 6.07
N GLU D 246 19.56 23.26 5.53
CA GLU D 246 18.46 23.99 6.19
C GLU D 246 18.20 23.39 7.57
N ILE D 247 18.13 22.08 7.63
CA ILE D 247 17.83 21.30 8.87
C ILE D 247 18.97 21.56 9.86
N ILE D 248 20.21 21.40 9.43
CA ILE D 248 21.42 21.60 10.26
C ILE D 248 21.45 23.04 10.78
N THR D 249 21.22 24.01 9.90
CA THR D 249 21.53 25.44 10.12
C THR D 249 20.30 26.19 10.62
N GLY D 250 19.10 25.67 10.36
CA GLY D 250 17.84 26.40 10.54
C GLY D 250 17.74 27.57 9.58
N LEU D 251 18.70 27.69 8.67
CA LEU D 251 18.75 28.81 7.70
C LEU D 251 17.92 28.40 6.50
N PRO D 252 17.08 29.29 5.94
CA PRO D 252 16.43 29.01 4.66
C PRO D 252 17.50 28.93 3.56
N ALA D 253 17.27 28.09 2.54
CA ALA D 253 18.17 27.92 1.38
C ALA D 253 18.61 29.30 0.87
N VAL D 254 17.68 30.26 0.81
CA VAL D 254 17.96 31.63 0.35
C VAL D 254 17.42 32.61 1.39
N ASP D 255 18.25 33.59 1.74
CA ASP D 255 17.85 34.80 2.49
C ASP D 255 18.57 35.97 1.81
N GLU D 256 17.86 36.83 1.09
CA GLU D 256 18.47 37.95 0.34
C GLU D 256 19.22 38.85 1.34
N HIS D 257 18.72 38.95 2.57
CA HIS D 257 19.24 39.83 3.65
C HIS D 257 20.29 39.08 4.49
N ARG D 258 20.87 38.02 3.96
CA ARG D 258 21.92 37.20 4.62
C ARG D 258 23.14 37.12 3.70
N GLU D 259 24.33 36.94 4.29
CA GLU D 259 25.57 36.57 3.56
C GLU D 259 26.10 35.29 4.21
N PRO D 260 26.23 34.18 3.45
CA PRO D 260 25.81 34.09 2.05
C PRO D 260 24.28 33.98 1.91
N GLN D 261 23.74 34.57 0.84
CA GLN D 261 22.28 34.59 0.56
C GLN D 261 21.82 33.15 0.38
N LEU D 262 22.61 32.37 -0.37
CA LEU D 262 22.32 30.95 -0.65
C LEU D 262 22.97 30.10 0.42
N LEU D 263 22.18 29.25 1.06
CA LEU D 263 22.66 28.37 2.15
C LEU D 263 23.73 27.43 1.61
N LEU D 264 23.57 26.95 0.38
CA LEU D 264 24.50 25.96 -0.24
C LEU D 264 25.89 26.57 -0.41
N ASP D 265 26.03 27.90 -0.37
CA ASP D 265 27.35 28.59 -0.33
C ASP D 265 28.09 28.20 0.94
N ILE D 266 27.38 28.04 2.08
CA ILE D 266 28.02 27.72 3.38
C ILE D 266 28.79 26.41 3.24
N LYS D 267 28.33 25.51 2.37
CA LYS D 267 29.06 24.26 2.02
C LYS D 267 30.45 24.63 1.47
N GLU D 268 30.53 25.62 0.59
CA GLU D 268 31.80 26.11 0.01
C GLU D 268 32.63 26.76 1.12
N GLU D 269 31.99 27.54 2.00
CA GLU D 269 32.65 28.21 3.14
C GLU D 269 33.20 27.17 4.12
N ILE D 270 32.49 26.05 4.29
CA ILE D 270 32.91 24.94 5.20
C ILE D 270 34.03 24.14 4.53
N GLU D 271 33.92 23.85 3.24
CA GLU D 271 34.94 23.11 2.45
C GLU D 271 36.23 23.92 2.38
N ASP D 272 36.13 25.25 2.25
CA ASP D 272 37.27 26.20 2.20
C ASP D 272 37.77 26.50 3.62
N GLU D 273 37.20 25.83 4.63
CA GLU D 273 37.61 25.91 6.06
C GLU D 273 37.54 27.36 6.56
N GLU D 274 36.86 28.26 5.84
CA GLU D 274 36.56 29.64 6.31
C GLU D 274 35.70 29.51 7.58
N LYS D 275 34.66 28.67 7.47
CA LYS D 275 33.66 28.34 8.52
C LYS D 275 33.67 26.83 8.73
N THR D 276 33.24 26.33 9.88
CA THR D 276 32.91 24.89 10.08
C THR D 276 31.39 24.75 10.18
N ILE D 277 30.85 23.53 10.19
CA ILE D 277 29.36 23.37 10.25
C ILE D 277 28.84 23.88 11.58
N GLU D 278 29.59 23.75 12.68
CA GLU D 278 29.21 24.28 14.03
C GLU D 278 28.96 25.80 13.96
N ASP D 279 29.63 26.52 13.05
CA ASP D 279 29.43 27.98 12.86
C ASP D 279 28.01 28.22 12.32
N TYR D 280 27.50 27.30 11.48
CA TYR D 280 26.21 27.45 10.77
C TYR D 280 25.13 26.59 11.46
N ILE D 281 25.53 25.60 12.26
CA ILE D 281 24.62 24.72 13.05
C ILE D 281 23.56 25.59 13.72
N ASP D 282 22.29 25.21 13.60
CA ASP D 282 21.17 25.98 14.16
C ASP D 282 21.39 26.09 15.67
N LYS D 283 21.49 27.31 16.17
CA LYS D 283 21.68 27.60 17.62
C LYS D 283 20.37 27.29 18.35
N LYS D 284 19.25 27.28 17.63
CA LYS D 284 17.91 27.03 18.20
C LYS D 284 17.72 25.55 18.49
N MET D 285 18.80 24.80 18.69
CA MET D 285 18.76 23.39 19.18
C MET D 285 19.66 23.31 20.41
N ASN D 286 19.36 22.39 21.32
CA ASN D 286 20.17 22.10 22.52
C ASN D 286 20.74 20.68 22.40
N ASP D 287 20.19 19.85 21.51
CA ASP D 287 20.40 18.38 21.46
C ASP D 287 21.22 18.01 20.21
N ALA D 288 21.72 19.01 19.48
CA ALA D 288 22.62 18.76 18.33
C ALA D 288 23.96 18.26 18.86
N ASP D 289 24.33 17.03 18.54
CA ASP D 289 25.70 16.51 18.77
C ASP D 289 26.50 16.70 17.48
N SER D 290 27.75 17.12 17.62
CA SER D 290 28.71 17.36 16.50
C SER D 290 28.71 16.17 15.56
N THR D 291 28.80 14.95 16.09
CA THR D 291 28.95 13.69 15.32
C THR D 291 27.84 13.57 14.27
N SER D 292 26.58 13.61 14.70
CA SER D 292 25.40 13.38 13.82
C SER D 292 25.17 14.60 12.93
N VAL D 293 25.45 15.80 13.44
CA VAL D 293 25.38 17.07 12.65
C VAL D 293 26.44 17.01 11.55
N GLU D 294 27.68 16.66 11.88
CA GLU D 294 28.76 16.43 10.88
C GLU D 294 28.32 15.28 9.96
N ALA D 295 27.75 14.22 10.53
CA ALA D 295 27.24 13.07 9.76
C ALA D 295 26.21 13.58 8.75
N MET D 296 25.26 14.40 9.21
CA MET D 296 24.20 14.96 8.33
C MET D 296 24.85 15.94 7.35
N TYR D 297 25.76 16.78 7.83
CA TYR D 297 26.44 17.75 6.94
C TYR D 297 27.18 16.96 5.85
N SER D 298 27.82 15.87 6.24
CA SER D 298 28.54 14.97 5.31
C SER D 298 27.57 14.50 4.22
N VAL D 299 26.35 14.12 4.62
CA VAL D 299 25.27 13.75 3.66
C VAL D 299 24.92 14.98 2.84
N ALA D 300 24.64 16.10 3.51
CA ALA D 300 24.35 17.40 2.86
C ALA D 300 25.44 17.66 1.81
N SER D 301 26.70 17.66 2.22
CA SER D 301 27.88 17.92 1.36
C SER D 301 27.83 17.02 0.14
N GLN D 302 27.70 15.71 0.39
CA GLN D 302 27.70 14.67 -0.68
C GLN D 302 26.55 14.92 -1.65
N CYS D 303 25.37 15.21 -1.10
CA CYS D 303 24.15 15.59 -1.86
C CYS D 303 24.41 16.83 -2.71
N LEU D 304 25.22 17.74 -2.18
CA LEU D 304 25.47 19.07 -2.78
C LEU D 304 26.72 19.03 -3.67
N HIS D 305 27.25 17.84 -3.96
CA HIS D 305 28.28 17.69 -5.03
C HIS D 305 27.72 18.32 -6.31
N GLU D 306 28.41 19.32 -6.85
CA GLU D 306 27.94 20.09 -8.02
C GLU D 306 27.93 19.16 -9.24
N LYS D 307 28.70 18.08 -9.18
CA LYS D 307 28.72 16.99 -10.19
C LYS D 307 27.62 15.97 -9.85
N LYS D 308 26.50 15.99 -10.57
CA LYS D 308 25.29 15.18 -10.29
C LYS D 308 25.65 13.70 -10.05
N ASN D 309 26.63 13.16 -10.79
CA ASN D 309 26.96 11.71 -10.80
C ASN D 309 27.78 11.33 -9.56
N LYS D 310 28.44 12.29 -8.93
CA LYS D 310 29.28 12.06 -7.73
C LYS D 310 28.42 12.17 -6.47
N ARG D 311 27.17 12.61 -6.61
CA ARG D 311 26.20 12.67 -5.48
C ARG D 311 25.76 11.26 -5.12
N PRO D 312 25.41 11.02 -3.85
CA PRO D 312 24.84 9.76 -3.43
C PRO D 312 23.46 9.69 -4.10
N ASP D 313 23.04 8.51 -4.55
CA ASP D 313 21.62 8.30 -4.89
C ASP D 313 20.87 8.41 -3.55
N ILE D 314 19.56 8.57 -3.59
CA ILE D 314 18.76 8.75 -2.36
C ILE D 314 18.96 7.56 -1.43
N LYS D 315 19.15 6.34 -1.98
CA LYS D 315 19.37 5.11 -1.18
C LYS D 315 20.58 5.32 -0.26
N LYS D 316 21.70 5.77 -0.83
CA LYS D 316 22.94 6.09 -0.07
C LYS D 316 22.61 7.17 0.96
N VAL D 317 21.91 8.23 0.56
CA VAL D 317 21.48 9.34 1.45
C VAL D 317 20.70 8.73 2.62
N GLN D 318 19.73 7.87 2.32
CA GLN D 318 18.93 7.14 3.34
C GLN D 318 19.89 6.43 4.30
N GLN D 319 20.75 5.57 3.74
CA GLN D 319 21.70 4.73 4.51
C GLN D 319 22.55 5.64 5.40
N LEU D 320 23.00 6.77 4.87
CA LEU D 320 23.92 7.69 5.59
C LEU D 320 23.15 8.41 6.70
N LEU D 321 21.87 8.69 6.48
CA LEU D 321 21.00 9.38 7.46
C LEU D 321 20.53 8.38 8.51
N GLN D 322 20.34 7.12 8.14
CA GLN D 322 20.09 6.02 9.12
C GLN D 322 21.37 5.82 9.94
N GLU D 323 22.51 5.59 9.26
CA GLU D 323 23.85 5.43 9.89
C GLU D 323 24.10 6.58 10.87
N MET D 324 23.67 7.79 10.52
CA MET D 324 23.87 9.04 11.30
C MET D 324 23.24 8.94 12.69
N THR D 325 22.08 8.29 12.81
CA THR D 325 21.40 8.04 14.13
C THR D 325 21.74 6.63 14.62
N ALA D 326 23.05 6.33 14.69
CA ALA D 326 23.67 5.06 15.15
C ALA D 326 22.87 3.85 14.65
N1 YK0 E . 5.93 -28.74 -29.00
N3 YK0 E . 7.36 -24.96 -25.33
C4 YK0 E . 7.66 -25.89 -27.53
C5 YK0 E . 7.39 -26.80 -28.49
C6 YK0 E . 6.43 -27.78 -28.26
C7 YK0 E . 4.85 -28.89 -27.05
C8 YK0 E . 5.74 -27.84 -26.98
C10 YK0 E . 7.04 -25.94 -26.27
C13 YK0 E . 6.81 -23.06 -22.34
C15 YK0 E . 8.45 -21.36 -22.30
C17 YK0 E . 10.35 -21.51 -23.93
C20 YK0 E . 3.46 -31.65 -30.77
C21 YK0 E . 2.67 -32.44 -29.96
C22 YK0 E . 1.78 -33.53 -30.51
C24 YK0 E . 3.40 -31.22 -28.05
C1 YK0 E . 9.92 -25.06 -27.03
C2 YK0 E . 8.68 -24.84 -27.87
C3 YK0 E . 8.11 -23.43 -27.73
O1 YK0 E . 9.05 -24.88 -29.24
N2 YK0 E . 4.97 -29.42 -28.28
C9 YK0 E . 6.10 -26.89 -25.99
C11 YK0 E . 7.04 -24.90 -24.02
O2 YK0 E . 6.43 -25.75 -23.41
C12 YK0 E . 7.51 -23.67 -23.37
C14 YK0 E . 7.28 -21.89 -21.80
C16 YK0 E . 9.09 -22.03 -23.32
N4 YK0 E . 8.61 -23.14 -23.82
F1 YK0 E . 11.41 -22.37 -23.64
F2 YK0 E . 10.65 -20.25 -23.46
F3 YK0 E . 10.12 -21.44 -25.31
C18 YK0 E . 4.22 -30.45 -28.83
C19 YK0 E . 4.23 -30.65 -30.21
O3 YK0 E . 0.44 -33.07 -30.28
C23 YK0 E . 2.62 -32.21 -28.61
C1 EDO F . 0.46 -16.97 -14.67
O1 EDO F . 1.84 -16.63 -14.73
C2 EDO F . 0.16 -18.26 -15.35
O2 EDO F . -1.22 -18.59 -15.31
N1 YK0 G . 10.22 18.65 35.72
N3 YK0 G . 9.58 14.35 32.44
C4 YK0 G . 9.17 15.37 34.57
C5 YK0 G . 9.30 16.38 35.43
C6 YK0 G . 9.99 17.54 35.08
C7 YK0 G . 11.16 18.88 33.70
C8 YK0 G . 10.59 17.63 33.77
C10 YK0 G . 9.78 15.43 33.31
C13 YK0 G . 9.44 12.86 29.22
C15 YK0 G . 8.50 10.69 29.50
C17 YK0 G . 8.18 9.80 31.81
C20 YK0 G . 10.68 22.75 36.45
C21 YK0 G . 11.70 23.42 35.80
C22 YK0 G . 12.00 24.86 36.09
C24 YK0 G . 12.24 21.49 34.53
C1 YK0 G . 9.19 12.93 35.08
C2 YK0 G . 8.36 14.18 35.03
C3 YK0 G . 7.13 14.02 34.16
O1 YK0 G . 7.78 14.40 36.32
N2 YK0 G . 10.92 19.48 34.88
C9 YK0 G . 10.46 16.53 32.90
C11 YK0 G . 10.05 14.15 31.22
O2 YK0 G . 10.79 14.90 30.64
C12 YK0 G . 9.55 12.93 30.59
C14 YK0 G . 8.91 11.71 28.66
C16 YK0 G . 8.61 10.87 30.86
N4 YK0 G . 9.12 11.95 31.36
F1 YK0 G . 9.30 9.29 32.43
F2 YK0 G . 7.53 8.75 31.17
F3 YK0 G . 7.38 10.36 32.78
C18 YK0 G . 11.26 20.78 35.21
C19 YK0 G . 10.44 21.43 36.14
O3 YK0 G . 11.51 25.55 34.92
C23 YK0 G . 12.46 22.79 34.84
C1 EDO H . 7.08 13.77 17.86
O1 EDO H . 7.62 15.02 18.19
C2 EDO H . 7.57 12.68 18.73
O2 EDO H . 7.08 11.40 18.38
N1 YK0 I . -16.60 -15.66 -15.88
N3 YK0 I . -16.20 -11.78 -12.05
C4 YK0 I . -17.24 -13.79 -12.83
C5 YK0 I . -17.42 -14.78 -13.72
C6 YK0 I . -16.66 -14.82 -14.88
C7 YK0 I . -15.08 -14.07 -16.29
C8 YK0 I . -15.68 -13.77 -15.11
C10 YK0 I . -16.32 -12.75 -13.05
C13 YK0 I . -14.57 -9.17 -10.26
C15 YK0 I . -15.81 -8.75 -8.27
C17 YK0 I . -18.02 -9.83 -7.99
C20 YK0 I . -14.11 -17.75 -18.72
C21 YK0 I . -14.12 -17.22 -19.99
C22 YK0 I . -13.49 -18.04 -21.08
C24 YK0 I . -15.17 -15.23 -19.17
C1 YK0 I . -18.97 -12.63 -11.38
C2 YK0 I . -18.08 -13.85 -11.58
C3 YK0 I . -17.16 -14.10 -10.39
O1 YK0 I . -18.92 -15.00 -11.62
N2 YK0 I . -15.63 -15.18 -16.76
C9 YK0 I . -15.55 -12.74 -14.16
C11 YK0 I . -15.49 -10.65 -12.01
O2 YK0 I . -14.82 -10.22 -12.91
C12 YK0 I . -15.60 -9.96 -10.72
C14 YK0 I . -14.69 -8.56 -9.03
C16 YK0 I . -16.78 -9.58 -8.79
N4 YK0 I . -16.66 -10.15 -9.96
F1 YK0 I . -19.04 -9.06 -8.57
F2 YK0 I . -17.77 -9.47 -6.67
F3 YK0 I . -18.37 -11.17 -8.08
C18 YK0 I . -15.19 -15.80 -17.91
C19 YK0 I . -14.64 -17.05 -17.68
O3 YK0 I . -12.11 -18.19 -20.69
C23 YK0 I . -14.64 -15.95 -20.22
N1 YK0 J . 1.12 25.49 9.05
N3 YK0 J . 0.21 22.02 4.92
C4 YK0 J . 1.15 24.13 5.65
C5 YK0 J . 1.41 25.04 6.61
C6 YK0 J . 1.00 24.82 7.94
C7 YK0 J . 0.03 23.62 9.60
C8 YK0 J . 0.29 23.58 8.25
C10 YK0 J . 0.43 22.95 5.95
C13 YK0 J . -0.54 18.79 3.66
C15 YK0 J . -0.12 18.81 1.32
C17 YK0 J . 0.37 20.92 0.19
C20 YK0 J . 1.84 25.86 13.27
C21 YK0 J . 0.74 25.80 14.10
C22 YK0 J . 0.94 26.16 15.55
C24 YK0 J . -0.62 25.04 12.27
C1 YK0 J . 0.44 24.51 3.26
C2 YK0 J . 1.62 24.41 4.22
C3 YK0 J . 2.60 23.31 3.77
O1 YK0 J . 2.38 25.62 4.13
N2 YK0 J . 0.50 24.78 10.07
C9 YK0 J . 0.03 22.68 7.23
C11 YK0 J . -0.48 20.90 4.95
O2 YK0 J . -1.08 20.47 5.94
C12 YK0 J . -0.40 20.16 3.68
C14 YK0 J . -0.41 18.11 2.47
C16 YK0 J . 0.04 20.17 1.42
N4 YK0 J . -0.09 20.81 2.57
F1 YK0 J . -0.69 21.80 -0.06
F2 YK0 J . 0.57 20.04 -0.88
F3 YK0 J . 1.54 21.67 0.38
C18 YK0 J . 0.48 25.14 11.43
C19 YK0 J . 1.71 25.53 11.94
O3 YK0 J . 1.65 25.04 16.13
C23 YK0 J . -0.49 25.38 13.61
#